data_6RCO
#
_entry.id   6RCO
#
_cell.length_a   55.210
_cell.length_b   70.180
_cell.length_c   73.260
_cell.angle_alpha   101.42
_cell.angle_beta   92.97
_cell.angle_gamma   112.47
#
_symmetry.space_group_name_H-M   'P 1'
#
loop_
_entity.id
_entity.type
_entity.pdbx_description
1 polymer 'R5.004 heavy chain'
2 polymer 'R5.004 light chain'
3 non-polymer GLYCEROL
4 non-polymer 'ACETATE ION'
5 water water
#
loop_
_entity_poly.entity_id
_entity_poly.type
_entity_poly.pdbx_seq_one_letter_code
_entity_poly.pdbx_strand_id
1 'polypeptide(L)'
;VHSEVQLVQSGAEVKKPGSSVKVSCKASGGTFSNYAINWVRQAPGQGLEWMGGIIPIFATTNYAQKFQGRVTITADESTS
TAYMELSSLRSEDTAVYFCARDKHSWSYAFDIWGQGTMVTVSSASTKGPSVFPLAPSSKSTSGGTAALGCLVKDYFPEPV
TVSWNSGALTSGVHTFPAVLQSSGLYSLSSVVTVPSSSLGTQTYICNVNHKPSNTKVDKKVEPKSCDKTHTC
;
A,C
2 'polypeptide(L)'
;SWAQSVLTQPPSASGTPGLRVTISCSGSSSNIGSNTVNWYQHLPGTAPKLLIHSNNQRPSGVPDRFSGSKSGTSASLAIS
GLQSEDEADYYCAAWDDSLNGWVFGGGTKLTVLGQPKAAPSVTLFPPSSEELQANKATLVCLISDFYPGAVTVAWKADSS
PVKAGVETTTPSKQSNNKYAASSYLSLTPEQWKSHRSYSCQVTHEGSTVEKTVAPTECS
;
B,D
#
loop_
_chem_comp.id
_chem_comp.type
_chem_comp.name
_chem_comp.formula
ACT non-polymer 'ACETATE ION' 'C2 H3 O2 -1'
GOL non-polymer GLYCEROL 'C3 H8 O3'
#
# COMPACT_ATOMS: atom_id res chain seq x y z
N VAL A 5 6.55 -25.92 -16.68
CA VAL A 5 5.33 -25.12 -16.80
C VAL A 5 4.73 -24.75 -15.44
N GLN A 6 4.41 -23.46 -15.28
CA GLN A 6 3.80 -22.93 -14.07
C GLN A 6 2.47 -22.25 -14.39
N LEU A 7 1.58 -22.20 -13.39
CA LEU A 7 0.30 -21.51 -13.53
C LEU A 7 0.33 -20.32 -12.60
N VAL A 8 0.12 -19.12 -13.15
CA VAL A 8 0.14 -17.86 -12.40
C VAL A 8 -1.26 -17.27 -12.36
N GLN A 9 -1.79 -17.10 -11.14
CA GLN A 9 -3.13 -16.57 -10.97
C GLN A 9 -3.13 -15.07 -10.62
N SER A 10 -4.24 -14.39 -10.90
CA SER A 10 -4.44 -12.97 -10.55
C SER A 10 -4.51 -12.76 -9.01
N GLY A 11 -4.35 -11.50 -8.56
CA GLY A 11 -4.34 -11.14 -7.15
C GLY A 11 -5.67 -11.19 -6.43
N ALA A 12 -5.62 -11.07 -5.09
CA ALA A 12 -6.78 -11.10 -4.18
C ALA A 12 -7.89 -10.13 -4.58
N GLU A 13 -9.13 -10.56 -4.39
CA GLU A 13 -10.31 -9.74 -4.73
C GLU A 13 -11.17 -9.56 -3.51
N VAL A 14 -11.80 -8.39 -3.42
CA VAL A 14 -12.69 -8.07 -2.30
C VAL A 14 -13.96 -7.57 -2.93
N LYS A 15 -15.06 -8.30 -2.71
CA LYS A 15 -16.33 -8.05 -3.39
C LYS A 15 -17.54 -7.95 -2.45
N LYS A 16 -18.62 -7.26 -2.89
CA LYS A 16 -19.84 -7.16 -2.10
C LYS A 16 -20.79 -8.29 -2.50
N PRO A 17 -21.70 -8.75 -1.60
CA PRO A 17 -22.70 -9.76 -2.00
C PRO A 17 -23.53 -9.29 -3.20
N GLY A 18 -23.79 -10.20 -4.13
CA GLY A 18 -24.57 -9.92 -5.34
C GLY A 18 -23.74 -9.54 -6.54
N SER A 19 -22.44 -9.22 -6.31
CA SER A 19 -21.53 -8.85 -7.40
C SER A 19 -20.96 -10.09 -8.10
N SER A 20 -20.08 -9.87 -9.10
CA SER A 20 -19.43 -10.94 -9.85
C SER A 20 -17.91 -10.75 -9.80
N VAL A 21 -17.15 -11.85 -9.84
CA VAL A 21 -15.69 -11.78 -9.78
C VAL A 21 -15.10 -12.61 -10.92
N LYS A 22 -13.98 -12.17 -11.52
CA LYS A 22 -13.32 -12.89 -12.61
C LYS A 22 -11.87 -13.06 -12.25
N VAL A 23 -11.46 -14.33 -12.13
CA VAL A 23 -10.11 -14.70 -11.74
C VAL A 23 -9.43 -15.28 -12.97
N SER A 24 -8.15 -14.95 -13.18
CA SER A 24 -7.38 -15.45 -14.31
C SER A 24 -6.30 -16.43 -13.88
N CYS A 25 -5.82 -17.20 -14.85
CA CYS A 25 -4.81 -18.19 -14.64
C CYS A 25 -3.98 -18.28 -15.93
N LYS A 26 -2.71 -17.88 -15.87
CA LYS A 26 -1.85 -17.85 -17.05
C LYS A 26 -0.76 -18.90 -16.98
N ALA A 27 -0.66 -19.70 -18.06
CA ALA A 27 0.39 -20.70 -18.19
C ALA A 27 1.68 -19.95 -18.50
N SER A 28 2.74 -20.23 -17.72
CA SER A 28 4.06 -19.62 -17.83
C SER A 28 5.08 -20.72 -18.10
N GLY A 29 5.86 -20.55 -19.16
CA GLY A 29 6.85 -21.52 -19.59
C GLY A 29 6.21 -22.74 -20.23
N GLY A 30 5.07 -22.52 -20.88
CA GLY A 30 4.27 -23.54 -21.54
C GLY A 30 2.92 -23.01 -21.99
N THR A 31 2.14 -23.85 -22.68
CA THR A 31 0.81 -23.51 -23.20
C THR A 31 -0.20 -24.53 -22.66
N PHE A 32 -1.50 -24.37 -23.00
CA PHE A 32 -2.54 -25.29 -22.58
C PHE A 32 -2.52 -26.59 -23.36
N SER A 33 -1.92 -26.59 -24.59
CA SER A 33 -1.81 -27.77 -25.45
C SER A 33 -3.22 -28.40 -25.61
N ASN A 34 -3.35 -29.70 -25.41
CA ASN A 34 -4.66 -30.37 -25.45
C ASN A 34 -5.09 -30.75 -24.00
N TYR A 35 -4.51 -30.08 -22.99
CA TYR A 35 -4.85 -30.32 -21.58
C TYR A 35 -6.06 -29.51 -21.13
N ALA A 36 -6.60 -29.88 -19.97
CA ALA A 36 -7.71 -29.13 -19.39
C ALA A 36 -7.24 -28.28 -18.23
N ILE A 37 -7.96 -27.20 -17.98
CA ILE A 37 -7.74 -26.32 -16.82
C ILE A 37 -8.98 -26.48 -15.97
N ASN A 38 -8.79 -26.83 -14.69
CA ASN A 38 -9.86 -27.03 -13.72
C ASN A 38 -9.76 -25.97 -12.65
N TRP A 39 -10.91 -25.63 -12.08
CA TRP A 39 -11.01 -24.65 -11.00
C TRP A 39 -11.52 -25.37 -9.76
N VAL A 40 -10.82 -25.20 -8.64
CA VAL A 40 -11.14 -25.84 -7.37
C VAL A 40 -11.04 -24.76 -6.29
N ARG A 41 -12.01 -24.70 -5.38
CA ARG A 41 -11.92 -23.71 -4.31
C ARG A 41 -11.85 -24.34 -2.92
N GLN A 42 -11.44 -23.55 -1.92
CA GLN A 42 -11.42 -23.96 -0.52
C GLN A 42 -11.86 -22.80 0.35
N ALA A 43 -13.06 -22.90 0.92
CA ALA A 43 -13.62 -21.91 1.86
C ALA A 43 -12.94 -22.11 3.23
N PRO A 44 -12.83 -21.07 4.11
CA PRO A 44 -12.16 -21.28 5.41
C PRO A 44 -12.83 -22.38 6.24
N GLY A 45 -12.01 -23.29 6.76
CA GLY A 45 -12.46 -24.44 7.54
C GLY A 45 -13.29 -25.44 6.75
N GLN A 46 -13.05 -25.52 5.42
CA GLN A 46 -13.77 -26.44 4.55
C GLN A 46 -12.76 -27.18 3.69
N GLY A 47 -13.22 -28.19 2.97
CA GLY A 47 -12.36 -28.97 2.08
C GLY A 47 -12.28 -28.42 0.67
N LEU A 48 -11.58 -29.12 -0.20
CA LEU A 48 -11.49 -28.72 -1.61
C LEU A 48 -12.81 -29.02 -2.30
N GLU A 49 -13.23 -28.13 -3.21
CA GLU A 49 -14.47 -28.31 -3.93
C GLU A 49 -14.25 -27.97 -5.41
N TRP A 50 -14.52 -28.93 -6.29
CA TRP A 50 -14.36 -28.72 -7.73
C TRP A 50 -15.50 -27.82 -8.25
N MET A 51 -15.16 -26.83 -9.08
CA MET A 51 -16.17 -25.91 -9.62
C MET A 51 -16.49 -26.18 -11.07
N GLY A 52 -15.47 -26.52 -11.84
CA GLY A 52 -15.64 -26.81 -13.24
C GLY A 52 -14.32 -26.84 -13.97
N GLY A 53 -14.38 -27.13 -15.26
CA GLY A 53 -13.20 -27.19 -16.07
C GLY A 53 -13.44 -26.85 -17.53
N ILE A 54 -12.36 -26.67 -18.27
CA ILE A 54 -12.42 -26.38 -19.70
C ILE A 54 -11.25 -27.05 -20.40
N ILE A 55 -11.47 -27.52 -21.64
CA ILE A 55 -10.39 -28.00 -22.49
C ILE A 55 -10.30 -26.92 -23.56
N PRO A 56 -9.34 -25.97 -23.40
CA PRO A 56 -9.32 -24.81 -24.29
C PRO A 56 -9.33 -25.07 -25.79
N ILE A 57 -8.55 -26.08 -26.26
CA ILE A 57 -8.44 -26.35 -27.70
C ILE A 57 -9.78 -26.85 -28.30
N PHE A 58 -10.65 -27.48 -27.49
CA PHE A 58 -11.92 -28.01 -27.99
C PHE A 58 -13.13 -27.19 -27.54
N ALA A 59 -12.92 -26.22 -26.62
CA ALA A 59 -13.93 -25.32 -26.05
C ALA A 59 -15.04 -26.08 -25.33
N THR A 60 -14.72 -27.26 -24.77
CA THR A 60 -15.70 -28.02 -24.01
C THR A 60 -15.56 -27.68 -22.54
N THR A 61 -16.69 -27.45 -21.86
CA THR A 61 -16.70 -27.12 -20.43
C THR A 61 -17.56 -28.13 -19.66
N ASN A 62 -17.28 -28.29 -18.39
CA ASN A 62 -18.01 -29.16 -17.47
C ASN A 62 -18.11 -28.36 -16.19
N TYR A 63 -19.31 -28.31 -15.58
CA TYR A 63 -19.51 -27.57 -14.34
C TYR A 63 -20.09 -28.43 -13.23
N ALA A 64 -19.71 -28.14 -11.98
CA ALA A 64 -20.23 -28.81 -10.79
C ALA A 64 -21.73 -28.45 -10.65
N GLN A 65 -22.60 -29.47 -10.52
CA GLN A 65 -24.06 -29.30 -10.40
C GLN A 65 -24.49 -28.30 -9.34
N LYS A 66 -23.80 -28.27 -8.17
CA LYS A 66 -24.08 -27.36 -7.05
C LYS A 66 -23.99 -25.87 -7.43
N PHE A 67 -23.24 -25.55 -8.50
CA PHE A 67 -23.13 -24.20 -9.06
C PHE A 67 -24.05 -24.24 -10.28
N GLN A 68 -25.32 -23.83 -10.07
CA GLN A 68 -26.36 -23.84 -11.09
C GLN A 68 -26.32 -22.54 -11.90
N GLY A 69 -25.52 -22.55 -12.97
CA GLY A 69 -25.36 -21.44 -13.89
C GLY A 69 -24.82 -20.14 -13.29
N ARG A 70 -24.01 -20.27 -12.22
CA ARG A 70 -23.38 -19.14 -11.54
C ARG A 70 -21.92 -19.00 -12.01
N VAL A 71 -21.34 -20.12 -12.49
CA VAL A 71 -19.94 -20.13 -12.90
C VAL A 71 -19.82 -20.17 -14.41
N THR A 72 -18.90 -19.37 -14.96
CA THR A 72 -18.58 -19.36 -16.39
C THR A 72 -17.05 -19.48 -16.52
N ILE A 73 -16.59 -20.53 -17.25
CA ILE A 73 -15.17 -20.78 -17.48
C ILE A 73 -14.88 -20.60 -18.95
N THR A 74 -13.87 -19.75 -19.24
CA THR A 74 -13.47 -19.40 -20.60
C THR A 74 -11.96 -19.45 -20.72
N ALA A 75 -11.43 -19.32 -21.94
CA ALA A 75 -10.00 -19.32 -22.22
C ALA A 75 -9.70 -18.68 -23.58
N ASP A 76 -8.50 -18.13 -23.73
CA ASP A 76 -8.01 -17.59 -24.99
C ASP A 76 -6.64 -18.18 -25.30
N GLU A 77 -6.60 -19.07 -26.32
CA GLU A 77 -5.43 -19.81 -26.80
C GLU A 77 -4.24 -18.89 -27.16
N SER A 78 -4.52 -17.66 -27.66
CA SER A 78 -3.54 -16.67 -28.06
C SER A 78 -2.59 -16.28 -26.92
N THR A 79 -3.13 -15.97 -25.73
CA THR A 79 -2.34 -15.54 -24.57
C THR A 79 -2.18 -16.63 -23.48
N SER A 80 -2.70 -17.87 -23.75
CA SER A 80 -2.65 -19.03 -22.84
C SER A 80 -3.08 -18.66 -21.39
N THR A 81 -4.28 -18.07 -21.28
CA THR A 81 -4.88 -17.64 -20.02
C THR A 81 -6.34 -18.15 -19.96
N ALA A 82 -6.70 -18.80 -18.85
CA ALA A 82 -8.04 -19.32 -18.61
C ALA A 82 -8.67 -18.42 -17.53
N TYR A 83 -10.00 -18.34 -17.51
CA TYR A 83 -10.71 -17.49 -16.58
C TYR A 83 -11.86 -18.22 -15.94
N MET A 84 -12.17 -17.82 -14.70
CA MET A 84 -13.34 -18.32 -13.99
C MET A 84 -14.07 -17.07 -13.52
N GLU A 85 -15.35 -16.97 -13.86
CA GLU A 85 -16.23 -15.88 -13.42
C GLU A 85 -17.36 -16.47 -12.59
N LEU A 86 -17.48 -16.00 -11.33
CA LEU A 86 -18.51 -16.45 -10.39
C LEU A 86 -19.42 -15.27 -10.13
N SER A 87 -20.72 -15.43 -10.42
N SER A 87 -20.72 -15.42 -10.43
CA SER A 87 -21.73 -14.38 -10.28
CA SER A 87 -21.72 -14.36 -10.27
C SER A 87 -22.58 -14.53 -9.02
C SER A 87 -22.59 -14.52 -9.04
N SER A 88 -23.43 -13.50 -8.73
CA SER A 88 -24.32 -13.45 -7.55
C SER A 88 -23.59 -13.93 -6.29
N LEU A 89 -22.45 -13.31 -6.01
CA LEU A 89 -21.61 -13.68 -4.87
C LEU A 89 -22.32 -13.64 -3.53
N ARG A 90 -22.07 -14.64 -2.67
CA ARG A 90 -22.64 -14.70 -1.31
C ARG A 90 -21.49 -14.87 -0.34
N SER A 91 -21.74 -14.65 0.97
CA SER A 91 -20.68 -14.80 1.98
C SER A 91 -20.01 -16.18 1.95
N GLU A 92 -20.77 -17.24 1.59
CA GLU A 92 -20.30 -18.63 1.45
C GLU A 92 -19.27 -18.78 0.30
N ASP A 93 -19.17 -17.77 -0.60
CA ASP A 93 -18.21 -17.83 -1.72
C ASP A 93 -16.84 -17.30 -1.32
N THR A 94 -16.69 -16.75 -0.08
CA THR A 94 -15.36 -16.34 0.40
C THR A 94 -14.49 -17.62 0.45
N ALA A 95 -13.38 -17.63 -0.28
CA ALA A 95 -12.55 -18.85 -0.39
C ALA A 95 -11.30 -18.53 -1.15
N VAL A 96 -10.35 -19.47 -1.18
CA VAL A 96 -9.18 -19.39 -2.04
C VAL A 96 -9.58 -20.20 -3.29
N TYR A 97 -9.39 -19.64 -4.49
CA TYR A 97 -9.72 -20.27 -5.76
C TYR A 97 -8.46 -20.68 -6.47
N PHE A 98 -8.33 -21.96 -6.79
CA PHE A 98 -7.13 -22.49 -7.46
C PHE A 98 -7.46 -22.91 -8.88
N CYS A 99 -6.51 -22.76 -9.78
CA CYS A 99 -6.64 -23.37 -11.09
C CYS A 99 -5.60 -24.50 -11.10
N ALA A 100 -5.85 -25.52 -11.91
CA ALA A 100 -4.92 -26.66 -12.01
C ALA A 100 -5.01 -27.27 -13.38
N ARG A 101 -3.88 -27.77 -13.88
CA ARG A 101 -3.84 -28.39 -15.18
C ARG A 101 -3.94 -29.90 -15.00
N ASP A 102 -4.77 -30.56 -15.82
CA ASP A 102 -4.86 -32.03 -15.72
C ASP A 102 -3.85 -32.72 -16.65
N LYS A 103 -3.63 -34.02 -16.46
CA LYS A 103 -2.66 -34.78 -17.23
C LYS A 103 -3.28 -36.09 -17.65
N HIS A 104 -3.71 -36.18 -18.93
CA HIS A 104 -4.40 -37.35 -19.46
C HIS A 104 -3.64 -38.67 -19.25
N SER A 105 -2.30 -38.68 -19.40
CA SER A 105 -1.51 -39.90 -19.17
C SER A 105 -1.45 -40.35 -17.70
N TRP A 106 -1.80 -39.46 -16.78
CA TRP A 106 -1.85 -39.73 -15.36
C TRP A 106 -3.32 -39.81 -14.89
N SER A 107 -4.17 -40.43 -15.74
CA SER A 107 -5.61 -40.60 -15.51
C SER A 107 -6.28 -39.27 -15.14
N TYR A 108 -5.86 -38.18 -15.84
CA TYR A 108 -6.42 -36.83 -15.72
C TYR A 108 -6.19 -36.15 -14.34
N ALA A 109 -5.18 -36.62 -13.62
CA ALA A 109 -4.82 -36.05 -12.32
C ALA A 109 -4.38 -34.59 -12.49
N PHE A 110 -4.52 -33.78 -11.42
CA PHE A 110 -4.18 -32.33 -11.44
C PHE A 110 -2.74 -32.25 -10.96
N ASP A 111 -1.80 -32.23 -11.88
CA ASP A 111 -0.39 -32.29 -11.50
C ASP A 111 0.25 -30.94 -11.23
N ILE A 112 -0.25 -29.87 -11.88
CA ILE A 112 0.29 -28.52 -11.74
C ILE A 112 -0.83 -27.62 -11.25
N TRP A 113 -0.57 -26.87 -10.19
CA TRP A 113 -1.56 -25.99 -9.58
C TRP A 113 -1.06 -24.55 -9.54
N GLY A 114 -1.98 -23.60 -9.69
CA GLY A 114 -1.68 -22.19 -9.49
C GLY A 114 -1.47 -21.90 -8.01
N GLN A 115 -1.05 -20.66 -7.65
CA GLN A 115 -0.78 -20.34 -6.24
C GLN A 115 -2.08 -20.05 -5.43
N GLY A 116 -3.19 -19.86 -6.14
CA GLY A 116 -4.47 -19.58 -5.51
C GLY A 116 -4.73 -18.09 -5.49
N THR A 117 -6.02 -17.73 -5.52
CA THR A 117 -6.49 -16.34 -5.46
C THR A 117 -7.52 -16.27 -4.34
N MET A 118 -7.32 -15.37 -3.37
CA MET A 118 -8.29 -15.19 -2.28
C MET A 118 -9.40 -14.26 -2.80
N VAL A 119 -10.66 -14.69 -2.61
CA VAL A 119 -11.83 -13.86 -2.88
C VAL A 119 -12.56 -13.71 -1.56
N THR A 120 -12.74 -12.46 -1.10
CA THR A 120 -13.48 -12.15 0.14
C THR A 120 -14.77 -11.47 -0.25
N VAL A 121 -15.88 -12.01 0.22
CA VAL A 121 -17.24 -11.47 -0.07
C VAL A 121 -17.76 -10.92 1.25
N SER A 122 -18.00 -9.61 1.32
CA SER A 122 -18.42 -9.02 2.58
C SER A 122 -19.22 -7.75 2.29
N SER A 123 -20.13 -7.44 3.22
CA SER A 123 -20.92 -6.20 3.21
C SER A 123 -20.10 -5.03 3.77
N ALA A 124 -18.91 -5.29 4.34
CA ALA A 124 -18.06 -4.23 4.88
C ALA A 124 -17.51 -3.31 3.76
N SER A 125 -17.14 -2.10 4.13
CA SER A 125 -16.59 -1.12 3.19
C SER A 125 -15.13 -0.83 3.62
N THR A 126 -14.28 -0.45 2.64
CA THR A 126 -12.88 -0.14 2.95
C THR A 126 -12.76 0.88 4.06
N LYS A 127 -11.86 0.60 5.02
CA LYS A 127 -11.62 1.48 6.15
C LYS A 127 -10.20 1.31 6.60
N GLY A 128 -9.48 2.41 6.72
CA GLY A 128 -8.12 2.40 7.21
C GLY A 128 -8.12 2.18 8.72
N PRO A 129 -7.06 1.58 9.29
CA PRO A 129 -7.08 1.30 10.74
C PRO A 129 -6.82 2.52 11.62
N SER A 130 -7.27 2.44 12.88
CA SER A 130 -6.93 3.38 13.94
C SER A 130 -5.78 2.64 14.63
N VAL A 131 -4.66 3.31 14.85
CA VAL A 131 -3.51 2.67 15.47
C VAL A 131 -3.30 3.26 16.85
N PHE A 132 -3.18 2.40 17.88
CA PHE A 132 -2.99 2.85 19.25
C PHE A 132 -1.72 2.26 19.85
N PRO A 133 -0.94 3.05 20.61
CA PRO A 133 0.26 2.49 21.24
C PRO A 133 -0.10 1.60 22.43
N LEU A 134 0.66 0.52 22.63
CA LEU A 134 0.50 -0.37 23.79
C LEU A 134 1.75 -0.21 24.62
N ALA A 135 1.66 0.65 25.65
CA ALA A 135 2.77 1.04 26.49
C ALA A 135 3.49 -0.12 27.13
N PRO A 136 4.83 -0.01 27.22
CA PRO A 136 5.61 -1.13 27.77
C PRO A 136 5.15 -1.60 29.14
N SER A 137 5.08 -2.92 29.30
CA SER A 137 4.70 -3.53 30.57
C SER A 137 5.65 -4.66 30.86
N SER A 138 5.81 -5.04 32.14
CA SER A 138 6.72 -6.10 32.53
C SER A 138 6.35 -7.44 31.91
N LYS A 139 7.35 -8.15 31.35
CA LYS A 139 7.13 -9.48 30.78
C LYS A 139 7.80 -10.48 31.72
N SER A 140 9.13 -10.37 31.92
CA SER A 140 9.89 -11.18 32.86
C SER A 140 10.79 -10.27 33.67
N THR A 141 10.51 -10.13 34.97
CA THR A 141 11.31 -9.30 35.86
C THR A 141 12.72 -9.89 36.02
N SER A 142 12.80 -11.23 36.18
CA SER A 142 14.07 -11.94 36.33
C SER A 142 14.95 -11.81 35.08
N GLY A 143 14.31 -11.84 33.90
CA GLY A 143 14.95 -11.69 32.60
C GLY A 143 15.15 -10.26 32.16
N GLY A 144 14.57 -9.31 32.91
CA GLY A 144 14.66 -7.88 32.66
C GLY A 144 14.03 -7.53 31.32
N THR A 145 12.88 -8.15 31.03
CA THR A 145 12.22 -7.99 29.75
C THR A 145 10.86 -7.31 29.88
N ALA A 146 10.50 -6.57 28.82
CA ALA A 146 9.22 -5.86 28.73
C ALA A 146 8.55 -6.15 27.41
N ALA A 147 7.23 -5.97 27.34
CA ALA A 147 6.48 -6.11 26.11
C ALA A 147 5.82 -4.79 25.81
N LEU A 148 5.90 -4.36 24.56
CA LEU A 148 5.21 -3.13 24.11
C LEU A 148 4.66 -3.45 22.74
N GLY A 149 3.74 -2.66 22.25
CA GLY A 149 3.23 -2.94 20.92
C GLY A 149 2.33 -1.89 20.36
N CYS A 150 1.56 -2.33 19.34
CA CYS A 150 0.59 -1.50 18.68
C CYS A 150 -0.62 -2.26 18.37
N LEU A 151 -1.74 -1.61 18.63
CA LEU A 151 -3.04 -2.17 18.33
C LEU A 151 -3.48 -1.51 17.03
N VAL A 152 -3.77 -2.34 16.02
CA VAL A 152 -4.18 -1.91 14.68
C VAL A 152 -5.67 -2.24 14.64
N LYS A 153 -6.51 -1.25 14.95
CA LYS A 153 -7.91 -1.49 15.16
C LYS A 153 -8.85 -1.14 14.02
N ASP A 154 -9.87 -2.02 13.80
CA ASP A 154 -11.01 -1.81 12.92
C ASP A 154 -10.69 -1.39 11.49
N TYR A 155 -10.05 -2.27 10.73
CA TYR A 155 -9.75 -1.98 9.33
C TYR A 155 -10.42 -2.99 8.41
N PHE A 156 -10.53 -2.65 7.15
CA PHE A 156 -11.09 -3.57 6.17
C PHE A 156 -10.62 -3.11 4.80
N PRO A 157 -10.25 -4.02 3.89
CA PRO A 157 -10.12 -5.48 4.06
C PRO A 157 -8.72 -5.84 4.54
N GLU A 158 -8.39 -7.13 4.57
CA GLU A 158 -7.01 -7.53 4.80
C GLU A 158 -6.26 -7.19 3.48
N PRO A 159 -4.92 -7.04 3.48
CA PRO A 159 -3.98 -7.17 4.59
C PRO A 159 -3.44 -5.81 5.07
N VAL A 160 -2.74 -5.86 6.22
CA VAL A 160 -1.97 -4.74 6.75
C VAL A 160 -0.57 -5.27 6.96
N THR A 161 0.41 -4.38 6.92
CA THR A 161 1.78 -4.78 7.25
C THR A 161 2.19 -3.87 8.39
N VAL A 162 2.98 -4.43 9.30
CA VAL A 162 3.53 -3.70 10.44
C VAL A 162 5.05 -3.88 10.45
N SER A 163 5.76 -2.77 10.58
CA SER A 163 7.21 -2.79 10.76
C SER A 163 7.51 -1.92 11.99
N TRP A 164 8.72 -2.08 12.55
CA TRP A 164 9.14 -1.31 13.70
C TRP A 164 10.41 -0.57 13.35
N ASN A 165 10.45 0.73 13.67
CA ASN A 165 11.59 1.63 13.41
C ASN A 165 12.05 1.56 11.95
N SER A 166 11.07 1.66 11.01
CA SER A 166 11.28 1.60 9.55
C SER A 166 12.06 0.35 9.11
N GLY A 167 11.79 -0.77 9.78
CA GLY A 167 12.42 -2.07 9.50
C GLY A 167 13.74 -2.33 10.20
N ALA A 168 14.26 -1.36 10.98
CA ALA A 168 15.54 -1.53 11.70
C ALA A 168 15.40 -2.45 12.92
N LEU A 169 14.15 -2.63 13.42
CA LEU A 169 13.85 -3.48 14.57
C LEU A 169 13.07 -4.72 14.14
N THR A 170 13.70 -5.89 14.19
CA THR A 170 13.09 -7.17 13.78
C THR A 170 13.13 -8.23 14.88
N SER A 171 14.20 -8.21 15.69
CA SER A 171 14.36 -9.18 16.78
C SER A 171 13.32 -8.91 17.87
N GLY A 172 12.62 -9.98 18.28
CA GLY A 172 11.61 -9.92 19.32
C GLY A 172 10.26 -9.41 18.86
N VAL A 173 10.06 -9.26 17.54
CA VAL A 173 8.78 -8.77 16.99
C VAL A 173 7.85 -9.96 16.71
N HIS A 174 6.61 -9.86 17.18
CA HIS A 174 5.57 -10.84 16.91
C HIS A 174 4.29 -10.13 16.50
N THR A 175 3.92 -10.23 15.21
CA THR A 175 2.69 -9.64 14.69
C THR A 175 1.68 -10.79 14.61
N PHE A 176 0.58 -10.67 15.37
CA PHE A 176 -0.44 -11.70 15.50
C PHE A 176 -1.46 -11.68 14.37
N PRO A 177 -1.97 -12.87 13.94
CA PRO A 177 -3.03 -12.89 12.93
C PRO A 177 -4.24 -12.08 13.42
N ALA A 178 -4.92 -11.40 12.50
CA ALA A 178 -6.05 -10.55 12.86
C ALA A 178 -7.26 -11.32 13.29
N VAL A 179 -8.08 -10.69 14.15
CA VAL A 179 -9.38 -11.20 14.52
C VAL A 179 -10.37 -10.56 13.53
N LEU A 180 -11.39 -11.32 13.09
CA LEU A 180 -12.46 -10.77 12.24
C LEU A 180 -13.64 -10.62 13.18
N GLN A 181 -13.99 -9.38 13.49
CA GLN A 181 -15.03 -9.02 14.45
C GLN A 181 -16.43 -9.15 13.87
N SER A 182 -17.47 -9.22 14.75
CA SER A 182 -18.86 -9.33 14.31
C SER A 182 -19.27 -8.09 13.50
N SER A 183 -18.57 -6.94 13.75
CA SER A 183 -18.76 -5.67 13.02
C SER A 183 -18.40 -5.80 11.52
N GLY A 184 -17.62 -6.82 11.15
CA GLY A 184 -17.14 -7.04 9.78
C GLY A 184 -15.75 -6.48 9.59
N LEU A 185 -15.17 -5.85 10.66
CA LEU A 185 -13.84 -5.25 10.59
C LEU A 185 -12.78 -6.11 11.27
N TYR A 186 -11.53 -5.95 10.85
CA TYR A 186 -10.42 -6.70 11.44
C TYR A 186 -9.66 -5.86 12.45
N SER A 187 -8.99 -6.54 13.37
CA SER A 187 -8.08 -5.92 14.32
C SER A 187 -6.89 -6.86 14.51
N LEU A 188 -5.71 -6.31 14.65
CA LEU A 188 -4.55 -7.13 15.03
C LEU A 188 -3.65 -6.35 15.98
N SER A 189 -2.71 -7.07 16.59
CA SER A 189 -1.70 -6.44 17.43
C SER A 189 -0.33 -6.92 17.05
N SER A 190 0.67 -6.05 17.17
CA SER A 190 2.07 -6.37 16.95
C SER A 190 2.77 -6.06 18.26
N VAL A 191 3.51 -7.03 18.80
CA VAL A 191 4.20 -6.89 20.09
C VAL A 191 5.70 -7.12 19.94
N VAL A 192 6.50 -6.29 20.61
CA VAL A 192 7.95 -6.40 20.64
C VAL A 192 8.38 -6.71 22.07
N THR A 193 9.23 -7.73 22.23
CA THR A 193 9.85 -8.07 23.51
C THR A 193 11.21 -7.34 23.51
N VAL A 194 11.40 -6.44 24.47
CA VAL A 194 12.59 -5.60 24.58
C VAL A 194 13.21 -5.66 26.00
N PRO A 195 14.50 -5.26 26.16
CA PRO A 195 15.04 -5.19 27.53
C PRO A 195 14.42 -3.99 28.26
N SER A 196 14.10 -4.15 29.56
CA SER A 196 13.51 -3.07 30.36
C SER A 196 14.49 -1.89 30.54
N SER A 197 15.82 -2.18 30.58
CA SER A 197 16.92 -1.21 30.72
C SER A 197 16.99 -0.19 29.59
N SER A 198 16.55 -0.58 28.39
CA SER A 198 16.55 0.25 27.19
C SER A 198 15.35 1.24 27.13
N LEU A 199 14.31 1.03 27.96
CA LEU A 199 13.06 1.79 27.85
C LEU A 199 13.17 3.30 28.04
N GLY A 200 14.07 3.75 28.91
CA GLY A 200 14.24 5.18 29.11
C GLY A 200 14.99 5.89 27.99
N THR A 201 15.58 5.13 27.04
CA THR A 201 16.43 5.72 25.99
C THR A 201 16.10 5.30 24.53
N GLN A 202 15.77 4.01 24.27
CA GLN A 202 15.48 3.50 22.94
C GLN A 202 14.10 3.91 22.45
N THR A 203 14.02 4.45 21.23
CA THR A 203 12.75 4.85 20.62
C THR A 203 12.11 3.65 19.91
N TYR A 204 10.77 3.55 20.00
CA TYR A 204 10.02 2.47 19.35
C TYR A 204 8.87 3.09 18.60
N ILE A 205 8.91 2.96 17.28
CA ILE A 205 7.86 3.49 16.40
C ILE A 205 7.30 2.33 15.58
N CYS A 206 5.98 2.15 15.60
CA CYS A 206 5.45 1.12 14.72
C CYS A 206 4.94 1.81 13.45
N ASN A 207 5.22 1.21 12.32
CA ASN A 207 4.82 1.69 11.00
C ASN A 207 3.76 0.74 10.46
N VAL A 208 2.56 1.28 10.22
CA VAL A 208 1.44 0.47 9.76
C VAL A 208 1.06 0.94 8.36
N ASN A 209 0.96 -0.03 7.43
CA ASN A 209 0.56 0.23 6.06
C ASN A 209 -0.70 -0.56 5.76
N HIS A 210 -1.69 0.11 5.20
CA HIS A 210 -2.92 -0.55 4.76
C HIS A 210 -3.15 -0.07 3.31
N LYS A 211 -2.53 -0.75 2.35
CA LYS A 211 -2.60 -0.41 0.93
C LYS A 211 -4.06 -0.29 0.41
N PRO A 212 -5.03 -1.20 0.76
CA PRO A 212 -6.40 -1.02 0.23
C PRO A 212 -7.06 0.34 0.52
N SER A 213 -6.71 1.03 1.63
CA SER A 213 -7.28 2.34 1.94
C SER A 213 -6.25 3.47 1.71
N ASN A 214 -5.07 3.11 1.14
CA ASN A 214 -3.93 4.01 0.91
C ASN A 214 -3.54 4.74 2.21
N THR A 215 -3.49 3.98 3.33
CA THR A 215 -3.16 4.48 4.67
C THR A 215 -1.75 4.09 5.10
N LYS A 216 -1.00 5.08 5.62
CA LYS A 216 0.33 4.89 6.17
C LYS A 216 0.31 5.65 7.48
N VAL A 217 0.51 4.94 8.59
CA VAL A 217 0.47 5.56 9.93
C VAL A 217 1.72 5.16 10.71
N ASP A 218 2.25 6.09 11.48
CA ASP A 218 3.34 5.83 12.40
C ASP A 218 2.82 6.11 13.80
N LYS A 219 3.28 5.34 14.78
CA LYS A 219 2.87 5.55 16.15
C LYS A 219 4.05 5.32 17.08
N LYS A 220 4.44 6.38 17.81
CA LYS A 220 5.51 6.31 18.80
C LYS A 220 4.91 5.58 20.02
N VAL A 221 5.66 4.61 20.57
CA VAL A 221 5.26 3.83 21.75
C VAL A 221 6.28 4.18 22.86
N GLU A 222 5.83 4.97 23.83
CA GLU A 222 6.68 5.47 24.92
C GLU A 222 6.27 4.86 26.26
N PRO A 223 7.17 4.85 27.29
CA PRO A 223 6.79 4.32 28.61
C PRO A 223 5.56 5.03 29.18
N LYS A 224 4.70 4.27 29.89
CA LYS A 224 3.45 4.77 30.49
C LYS A 224 3.72 5.96 31.41
N SER A 225 2.92 7.03 31.29
CA SER A 225 3.10 8.23 32.12
C SER A 225 1.79 8.97 32.44
N GLN B 4 -22.14 -31.27 1.24
CA GLN B 4 -21.37 -32.45 1.63
C GLN B 4 -20.63 -33.06 0.46
N SER B 5 -19.43 -33.60 0.72
CA SER B 5 -18.59 -34.26 -0.29
C SER B 5 -19.20 -35.62 -0.71
N VAL B 6 -19.09 -35.99 -2.00
CA VAL B 6 -19.68 -37.24 -2.46
C VAL B 6 -18.77 -38.44 -2.09
N LEU B 7 -17.45 -38.21 -1.91
CA LEU B 7 -16.53 -39.26 -1.42
C LEU B 7 -16.39 -39.02 0.09
N THR B 8 -16.47 -40.08 0.89
CA THR B 8 -16.40 -39.98 2.34
C THR B 8 -15.04 -40.35 2.87
N GLN B 9 -14.45 -39.45 3.64
CA GLN B 9 -13.16 -39.67 4.29
C GLN B 9 -13.36 -39.41 5.78
N PRO B 10 -12.61 -40.07 6.67
CA PRO B 10 -12.73 -39.71 8.11
C PRO B 10 -12.17 -38.29 8.29
N PRO B 11 -12.77 -37.41 9.12
CA PRO B 11 -12.22 -36.04 9.22
C PRO B 11 -10.82 -35.94 9.82
N SER B 12 -10.43 -36.93 10.62
CA SER B 12 -9.15 -36.96 11.33
C SER B 12 -8.48 -38.30 11.31
N ALA B 13 -7.14 -38.29 11.42
CA ALA B 13 -6.30 -39.48 11.54
C ALA B 13 -5.06 -39.08 12.33
N SER B 14 -4.47 -40.03 13.03
CA SER B 14 -3.28 -39.76 13.83
C SER B 14 -2.36 -40.94 13.75
N GLY B 15 -1.06 -40.66 13.77
CA GLY B 15 -0.03 -41.68 13.70
C GLY B 15 1.19 -41.31 14.51
N THR B 16 2.01 -42.33 14.78
CA THR B 16 3.23 -42.19 15.57
C THR B 16 4.44 -42.02 14.63
N PRO B 17 5.41 -41.10 14.93
CA PRO B 17 6.60 -40.98 14.07
C PRO B 17 7.30 -42.32 13.86
N GLY B 18 7.69 -42.59 12.61
CA GLY B 18 8.37 -43.83 12.22
C GLY B 18 7.43 -44.98 11.92
N LEU B 19 6.14 -44.84 12.26
CA LEU B 19 5.14 -45.89 12.03
C LEU B 19 4.23 -45.61 10.83
N ARG B 20 3.17 -46.41 10.67
CA ARG B 20 2.23 -46.37 9.55
C ARG B 20 0.88 -45.78 9.92
N VAL B 21 0.22 -45.17 8.95
CA VAL B 21 -1.12 -44.63 9.07
C VAL B 21 -1.81 -44.88 7.73
N THR B 22 -3.12 -45.13 7.77
CA THR B 22 -3.93 -45.36 6.58
C THR B 22 -5.08 -44.36 6.60
N ILE B 23 -5.38 -43.80 5.43
CA ILE B 23 -6.47 -42.83 5.25
C ILE B 23 -7.39 -43.46 4.22
N SER B 24 -8.65 -43.65 4.57
CA SER B 24 -9.63 -44.28 3.71
C SER B 24 -10.47 -43.25 2.95
N CYS B 25 -11.05 -43.73 1.86
CA CYS B 25 -11.89 -42.98 0.96
C CYS B 25 -13.00 -43.92 0.47
N SER B 26 -14.24 -43.59 0.77
CA SER B 26 -15.37 -44.42 0.37
C SER B 26 -16.21 -43.71 -0.69
N GLY B 27 -16.56 -44.41 -1.75
CA GLY B 27 -17.36 -43.87 -2.84
C GLY B 27 -18.49 -44.77 -3.30
N SER B 28 -18.81 -44.71 -4.60
CA SER B 28 -19.90 -45.48 -5.19
C SER B 28 -19.50 -46.07 -6.53
N SER B 29 -20.41 -46.84 -7.13
CA SER B 29 -20.18 -47.47 -8.43
C SER B 29 -19.89 -46.46 -9.53
N SER B 30 -20.48 -45.25 -9.49
CA SER B 30 -20.28 -44.23 -10.54
C SER B 30 -18.95 -43.46 -10.44
N ASN B 31 -18.30 -43.48 -9.27
CA ASN B 31 -17.03 -42.76 -9.15
C ASN B 31 -15.87 -43.75 -8.98
N ILE B 32 -15.50 -44.10 -7.74
CA ILE B 32 -14.40 -45.05 -7.44
C ILE B 32 -14.65 -46.41 -8.09
N GLY B 33 -15.91 -46.85 -8.12
CA GLY B 33 -16.26 -48.13 -8.74
C GLY B 33 -15.93 -48.24 -10.22
N SER B 34 -15.92 -47.11 -10.93
CA SER B 34 -15.69 -47.07 -12.39
C SER B 34 -14.44 -46.34 -12.83
N ASN B 35 -13.85 -45.53 -11.96
CA ASN B 35 -12.72 -44.66 -12.33
C ASN B 35 -11.56 -44.79 -11.37
N THR B 36 -10.42 -44.15 -11.72
CA THR B 36 -9.21 -44.19 -10.90
C THR B 36 -9.30 -43.12 -9.82
N VAL B 37 -8.50 -43.28 -8.77
CA VAL B 37 -8.45 -42.36 -7.65
C VAL B 37 -7.11 -41.61 -7.62
N ASN B 38 -7.16 -40.33 -7.30
CA ASN B 38 -5.96 -39.49 -7.14
C ASN B 38 -5.97 -39.00 -5.72
N TRP B 39 -4.79 -38.73 -5.15
CA TRP B 39 -4.65 -38.25 -3.78
C TRP B 39 -3.84 -36.97 -3.78
N TYR B 40 -4.27 -35.98 -2.96
CA TYR B 40 -3.60 -34.68 -2.84
C TYR B 40 -3.25 -34.41 -1.39
N GLN B 41 -2.11 -33.75 -1.17
CA GLN B 41 -1.65 -33.33 0.15
C GLN B 41 -1.79 -31.81 0.15
N HIS B 42 -2.35 -31.25 1.24
CA HIS B 42 -2.56 -29.80 1.25
C HIS B 42 -2.28 -29.22 2.61
N LEU B 43 -1.58 -28.11 2.62
CA LEU B 43 -1.33 -27.28 3.81
C LEU B 43 -1.93 -25.91 3.46
N PRO B 44 -3.10 -25.48 4.02
CA PRO B 44 -3.66 -24.15 3.65
C PRO B 44 -2.59 -23.05 3.73
N GLY B 45 -2.56 -22.21 2.71
CA GLY B 45 -1.54 -21.20 2.52
C GLY B 45 -0.63 -21.56 1.35
N THR B 46 -0.69 -22.82 0.85
CA THR B 46 0.09 -23.30 -0.32
C THR B 46 -0.85 -24.12 -1.21
N ALA B 47 -0.48 -24.32 -2.47
CA ALA B 47 -1.37 -25.07 -3.35
C ALA B 47 -1.36 -26.57 -2.98
N PRO B 48 -2.47 -27.31 -3.22
CA PRO B 48 -2.43 -28.78 -3.06
C PRO B 48 -1.36 -29.39 -3.97
N LYS B 49 -0.83 -30.53 -3.53
CA LYS B 49 0.22 -31.24 -4.27
C LYS B 49 -0.28 -32.64 -4.60
N LEU B 50 -0.07 -33.07 -5.85
CA LEU B 50 -0.49 -34.40 -6.25
C LEU B 50 0.45 -35.43 -5.62
N LEU B 51 -0.09 -36.42 -4.87
CA LEU B 51 0.71 -37.46 -4.21
C LEU B 51 0.65 -38.79 -4.97
N ILE B 52 -0.55 -39.17 -5.42
CA ILE B 52 -0.81 -40.45 -6.09
C ILE B 52 -1.76 -40.19 -7.22
N HIS B 53 -1.48 -40.77 -8.40
CA HIS B 53 -2.42 -40.71 -9.50
C HIS B 53 -2.70 -42.15 -9.95
N SER B 54 -3.80 -42.35 -10.71
CA SER B 54 -4.15 -43.66 -11.30
C SER B 54 -4.15 -44.78 -10.22
N ASN B 55 -4.77 -44.52 -9.06
CA ASN B 55 -4.90 -45.39 -7.87
C ASN B 55 -3.65 -45.57 -7.06
N ASN B 56 -2.51 -45.83 -7.71
CA ASN B 56 -1.32 -46.22 -6.96
C ASN B 56 0.03 -45.74 -7.51
N GLN B 57 0.03 -44.78 -8.46
CA GLN B 57 1.26 -44.29 -9.06
C GLN B 57 1.79 -43.04 -8.39
N ARG B 58 3.08 -43.06 -8.05
CA ARG B 58 3.67 -41.86 -7.47
C ARG B 58 4.29 -40.99 -8.58
N PRO B 59 4.02 -39.66 -8.58
CA PRO B 59 4.73 -38.74 -9.49
C PRO B 59 6.18 -38.69 -9.02
N SER B 60 7.13 -38.28 -9.90
CA SER B 60 8.51 -38.13 -9.46
C SER B 60 8.61 -37.09 -8.34
N GLY B 61 9.44 -37.37 -7.33
CA GLY B 61 9.58 -36.48 -6.18
C GLY B 61 8.75 -36.88 -4.99
N VAL B 62 7.76 -37.78 -5.17
CA VAL B 62 6.96 -38.26 -4.05
C VAL B 62 7.66 -39.50 -3.44
N PRO B 63 8.03 -39.45 -2.14
CA PRO B 63 8.75 -40.58 -1.53
C PRO B 63 7.97 -41.89 -1.54
N ASP B 64 8.68 -43.04 -1.58
CA ASP B 64 8.03 -44.34 -1.62
C ASP B 64 7.28 -44.69 -0.31
N ARG B 65 7.35 -43.79 0.72
CA ARG B 65 6.60 -43.92 1.97
C ARG B 65 5.09 -43.79 1.71
N PHE B 66 4.70 -43.10 0.62
CA PHE B 66 3.29 -42.91 0.23
C PHE B 66 2.88 -44.00 -0.74
N SER B 67 1.79 -44.69 -0.45
CA SER B 67 1.28 -45.72 -1.37
C SER B 67 -0.21 -45.61 -1.46
N GLY B 68 -0.77 -45.97 -2.60
CA GLY B 68 -2.22 -45.92 -2.79
C GLY B 68 -2.75 -47.25 -3.25
N SER B 69 -4.01 -47.51 -2.94
CA SER B 69 -4.66 -48.73 -3.43
C SER B 69 -6.15 -48.46 -3.63
N LYS B 70 -6.79 -49.27 -4.48
CA LYS B 70 -8.23 -49.15 -4.72
C LYS B 70 -8.82 -50.57 -4.73
N SER B 71 -10.00 -50.74 -4.14
CA SER B 71 -10.70 -52.03 -4.11
C SER B 71 -12.21 -51.74 -4.12
N GLY B 72 -12.89 -52.21 -5.16
CA GLY B 72 -14.35 -52.01 -5.29
C GLY B 72 -14.72 -50.55 -5.37
N THR B 73 -15.45 -50.03 -4.39
CA THR B 73 -15.87 -48.63 -4.35
C THR B 73 -15.12 -47.83 -3.28
N SER B 74 -13.98 -48.35 -2.81
CA SER B 74 -13.17 -47.72 -1.78
C SER B 74 -11.70 -47.63 -2.21
N ALA B 75 -10.99 -46.66 -1.66
CA ALA B 75 -9.58 -46.47 -1.93
C ALA B 75 -8.86 -46.11 -0.63
N SER B 76 -7.55 -46.30 -0.57
CA SER B 76 -6.83 -45.92 0.64
C SER B 76 -5.44 -45.40 0.33
N LEU B 77 -4.97 -44.48 1.17
CA LEU B 77 -3.64 -43.90 1.12
C LEU B 77 -2.91 -44.38 2.34
N ALA B 78 -1.73 -44.98 2.15
CA ALA B 78 -0.97 -45.46 3.30
C ALA B 78 0.30 -44.63 3.39
N ILE B 79 0.66 -44.23 4.59
CA ILE B 79 1.89 -43.48 4.80
C ILE B 79 2.75 -44.25 5.79
N SER B 80 3.93 -44.70 5.36
CA SER B 80 4.84 -45.44 6.23
C SER B 80 5.95 -44.50 6.69
N GLY B 81 6.67 -44.91 7.72
CA GLY B 81 7.77 -44.14 8.32
C GLY B 81 7.40 -42.69 8.54
N LEU B 82 6.22 -42.45 9.16
CA LEU B 82 5.67 -41.12 9.41
C LEU B 82 6.68 -40.11 9.94
N GLN B 83 6.70 -38.93 9.32
CA GLN B 83 7.57 -37.80 9.68
C GLN B 83 6.68 -36.64 10.10
N SER B 84 7.19 -35.76 10.98
CA SER B 84 6.43 -34.58 11.41
C SER B 84 5.98 -33.72 10.20
N GLU B 85 6.79 -33.69 9.12
CA GLU B 85 6.50 -32.94 7.89
C GLU B 85 5.25 -33.49 7.13
N ASP B 86 4.78 -34.72 7.48
CA ASP B 86 3.58 -35.30 6.87
C ASP B 86 2.29 -34.69 7.46
N GLU B 87 2.36 -33.87 8.53
CA GLU B 87 1.14 -33.28 9.09
C GLU B 87 0.54 -32.34 8.07
N ALA B 88 -0.67 -32.65 7.59
CA ALA B 88 -1.34 -31.90 6.53
C ALA B 88 -2.73 -32.47 6.35
N ASP B 89 -3.49 -31.92 5.39
CA ASP B 89 -4.80 -32.43 5.01
C ASP B 89 -4.58 -33.29 3.80
N TYR B 90 -5.30 -34.43 3.71
CA TYR B 90 -5.19 -35.36 2.58
C TYR B 90 -6.55 -35.55 1.97
N TYR B 91 -6.65 -35.36 0.66
CA TYR B 91 -7.88 -35.46 -0.11
C TYR B 91 -7.78 -36.52 -1.19
N CYS B 92 -8.84 -37.31 -1.34
CA CYS B 92 -8.97 -38.23 -2.46
C CYS B 92 -9.88 -37.54 -3.48
N ALA B 93 -9.77 -37.90 -4.75
CA ALA B 93 -10.60 -37.35 -5.83
C ALA B 93 -10.78 -38.41 -6.91
N ALA B 94 -11.94 -38.39 -7.57
CA ALA B 94 -12.23 -39.29 -8.66
C ALA B 94 -13.24 -38.63 -9.57
N TRP B 95 -13.26 -39.04 -10.84
CA TRP B 95 -14.28 -38.59 -11.79
C TRP B 95 -15.58 -39.33 -11.42
N ASP B 96 -16.73 -38.63 -11.48
CA ASP B 96 -18.02 -39.26 -11.23
C ASP B 96 -18.83 -39.31 -12.52
N ASP B 97 -19.10 -40.52 -13.06
CA ASP B 97 -19.86 -40.73 -14.31
C ASP B 97 -21.30 -40.23 -14.25
N SER B 98 -21.96 -40.34 -13.08
CA SER B 98 -23.35 -39.89 -12.90
C SER B 98 -23.48 -38.36 -12.84
N LEU B 99 -22.45 -37.68 -12.31
CA LEU B 99 -22.42 -36.23 -12.21
C LEU B 99 -21.71 -35.59 -13.40
N ASN B 100 -20.90 -36.39 -14.15
CA ASN B 100 -20.11 -35.93 -15.29
C ASN B 100 -19.15 -34.79 -14.83
N GLY B 101 -18.46 -35.05 -13.72
CA GLY B 101 -17.56 -34.08 -13.12
C GLY B 101 -16.66 -34.67 -12.05
N TRP B 102 -15.73 -33.87 -11.53
CA TRP B 102 -14.83 -34.35 -10.49
C TRP B 102 -15.48 -34.29 -9.15
N VAL B 103 -15.17 -35.27 -8.29
CA VAL B 103 -15.63 -35.25 -6.90
C VAL B 103 -14.43 -35.40 -5.97
N PHE B 104 -14.42 -34.66 -4.86
CA PHE B 104 -13.37 -34.75 -3.87
C PHE B 104 -13.94 -35.32 -2.59
N GLY B 105 -13.10 -35.99 -1.81
CA GLY B 105 -13.48 -36.41 -0.47
C GLY B 105 -13.44 -35.18 0.43
N GLY B 106 -14.02 -35.26 1.63
CA GLY B 106 -14.05 -34.11 2.54
C GLY B 106 -12.72 -33.74 3.16
N GLY B 107 -11.73 -34.61 3.00
CA GLY B 107 -10.39 -34.41 3.52
C GLY B 107 -10.17 -35.00 4.89
N THR B 108 -8.92 -35.42 5.16
CA THR B 108 -8.54 -35.96 6.45
C THR B 108 -7.39 -35.16 7.00
N LYS B 109 -7.53 -34.63 8.23
CA LYS B 109 -6.45 -33.89 8.87
C LYS B 109 -5.59 -34.91 9.59
N LEU B 110 -4.31 -35.04 9.17
CA LEU B 110 -3.37 -35.98 9.78
C LEU B 110 -2.54 -35.28 10.87
N THR B 111 -2.57 -35.84 12.09
CA THR B 111 -1.76 -35.40 13.24
C THR B 111 -0.67 -36.43 13.45
N VAL B 112 0.58 -35.97 13.59
CA VAL B 112 1.73 -36.84 13.88
C VAL B 112 2.00 -36.62 15.38
N LEU B 113 1.81 -37.68 16.18
CA LEU B 113 1.87 -37.66 17.66
C LEU B 113 3.25 -37.38 18.35
N GLY B 114 4.33 -37.09 17.64
CA GLY B 114 5.60 -36.80 18.34
C GLY B 114 5.77 -35.65 19.37
N GLN B 115 5.34 -34.43 18.98
CA GLN B 115 5.53 -33.11 19.58
C GLN B 115 5.30 -32.91 21.13
N PRO B 116 6.30 -32.27 21.79
CA PRO B 116 6.17 -32.03 23.22
C PRO B 116 5.19 -30.91 23.54
N LYS B 117 4.43 -31.07 24.63
CA LYS B 117 3.42 -30.10 25.06
C LYS B 117 4.12 -28.84 25.57
N ALA B 118 3.53 -27.68 25.29
CA ALA B 118 4.05 -26.38 25.67
C ALA B 118 2.95 -25.50 26.21
N ALA B 119 3.17 -24.93 27.41
CA ALA B 119 2.20 -24.05 28.05
C ALA B 119 2.16 -22.70 27.33
N PRO B 120 0.98 -22.06 27.22
CA PRO B 120 0.93 -20.73 26.58
C PRO B 120 1.61 -19.61 27.37
N SER B 121 2.23 -18.67 26.65
CA SER B 121 2.78 -17.44 27.20
C SER B 121 1.65 -16.41 27.00
N VAL B 122 1.30 -15.65 28.06
CA VAL B 122 0.16 -14.70 28.00
C VAL B 122 0.63 -13.27 28.28
N THR B 123 0.26 -12.32 27.39
CA THR B 123 0.52 -10.87 27.56
C THR B 123 -0.84 -10.21 27.53
N LEU B 124 -1.15 -9.41 28.53
CA LEU B 124 -2.42 -8.68 28.57
C LEU B 124 -2.11 -7.20 28.60
N PHE B 125 -2.68 -6.44 27.65
CA PHE B 125 -2.54 -4.98 27.62
C PHE B 125 -3.85 -4.30 27.97
N PRO B 126 -3.79 -3.22 28.79
CA PRO B 126 -5.02 -2.47 29.08
C PRO B 126 -5.30 -1.49 27.93
N PRO B 127 -6.43 -0.78 27.98
CA PRO B 127 -6.68 0.28 26.98
C PRO B 127 -5.64 1.39 27.02
N SER B 128 -5.26 1.91 25.83
CA SER B 128 -4.34 3.06 25.75
C SER B 128 -5.10 4.36 26.12
N SER B 129 -4.39 5.40 26.60
CA SER B 129 -5.04 6.69 26.88
C SER B 129 -5.62 7.27 25.57
N GLU B 130 -4.92 7.02 24.43
CA GLU B 130 -5.40 7.50 23.13
C GLU B 130 -6.77 6.89 22.79
N GLU B 131 -6.91 5.55 22.98
CA GLU B 131 -8.19 4.90 22.68
C GLU B 131 -9.29 5.38 23.63
N LEU B 132 -8.97 5.53 24.91
CA LEU B 132 -9.96 6.01 25.88
C LEU B 132 -10.46 7.42 25.52
N GLN B 133 -9.55 8.27 24.97
CA GLN B 133 -9.85 9.63 24.52
C GLN B 133 -10.78 9.56 23.30
N ALA B 134 -10.74 8.43 22.59
CA ALA B 134 -11.59 8.16 21.41
C ALA B 134 -12.90 7.43 21.82
N ASN B 135 -13.18 7.38 23.14
CA ASN B 135 -14.40 6.81 23.73
C ASN B 135 -14.56 5.31 23.53
N LYS B 136 -13.45 4.60 23.50
CA LYS B 136 -13.47 3.16 23.41
C LYS B 136 -12.44 2.59 24.38
N ALA B 137 -12.55 1.30 24.69
CA ALA B 137 -11.61 0.66 25.61
C ALA B 137 -11.46 -0.80 25.17
N THR B 138 -10.27 -1.17 24.70
CA THR B 138 -10.00 -2.53 24.25
C THR B 138 -8.92 -3.15 25.11
N LEU B 139 -9.19 -4.33 25.68
CA LEU B 139 -8.17 -5.11 26.41
C LEU B 139 -7.68 -6.13 25.43
N VAL B 140 -6.36 -6.32 25.35
CA VAL B 140 -5.77 -7.22 24.33
C VAL B 140 -5.05 -8.35 25.03
N CYS B 141 -5.49 -9.58 24.83
CA CYS B 141 -4.86 -10.74 25.43
C CYS B 141 -4.17 -11.52 24.33
N LEU B 142 -2.84 -11.59 24.36
CA LEU B 142 -2.05 -12.27 23.33
C LEU B 142 -1.49 -13.57 23.89
N ILE B 143 -1.75 -14.68 23.18
CA ILE B 143 -1.44 -16.02 23.63
C ILE B 143 -0.48 -16.66 22.64
N SER B 144 0.68 -17.11 23.10
CA SER B 144 1.62 -17.70 22.15
C SER B 144 2.37 -18.90 22.67
N ASP B 145 3.04 -19.62 21.75
CA ASP B 145 3.91 -20.76 22.04
C ASP B 145 3.23 -21.92 22.80
N PHE B 146 1.95 -22.21 22.52
CA PHE B 146 1.29 -23.34 23.15
C PHE B 146 1.16 -24.56 22.21
N TYR B 147 1.18 -25.75 22.79
CA TYR B 147 1.00 -26.99 22.02
C TYR B 147 0.38 -28.05 22.98
N PRO B 148 -0.72 -28.76 22.60
CA PRO B 148 -1.44 -28.75 21.32
C PRO B 148 -2.14 -27.42 21.01
N GLY B 149 -2.58 -27.26 19.77
CA GLY B 149 -3.19 -26.01 19.30
C GLY B 149 -4.62 -25.72 19.68
N ALA B 150 -4.94 -25.75 20.96
CA ALA B 150 -6.28 -25.46 21.45
C ALA B 150 -6.22 -24.82 22.84
N VAL B 151 -6.94 -23.71 23.01
CA VAL B 151 -7.05 -23.02 24.30
C VAL B 151 -8.49 -22.53 24.47
N THR B 152 -8.87 -22.25 25.72
CA THR B 152 -10.14 -21.63 26.07
C THR B 152 -9.77 -20.37 26.85
N VAL B 153 -10.51 -19.29 26.62
CA VAL B 153 -10.23 -17.99 27.23
C VAL B 153 -11.44 -17.59 28.07
N ALA B 154 -11.16 -17.13 29.29
CA ALA B 154 -12.19 -16.64 30.19
C ALA B 154 -11.74 -15.27 30.65
N TRP B 155 -12.64 -14.29 30.60
CA TRP B 155 -12.37 -12.94 31.04
C TRP B 155 -13.12 -12.66 32.34
N LYS B 156 -12.54 -11.84 33.23
CA LYS B 156 -13.19 -11.47 34.50
C LYS B 156 -13.12 -9.96 34.69
N ALA B 157 -14.21 -9.36 35.24
CA ALA B 157 -14.32 -7.95 35.64
C ALA B 157 -14.24 -8.10 37.16
N ASP B 158 -13.10 -7.69 37.76
CA ASP B 158 -12.76 -7.94 39.16
C ASP B 158 -12.68 -9.48 39.27
N SER B 159 -13.70 -10.13 39.88
CA SER B 159 -13.77 -11.59 40.00
C SER B 159 -14.97 -12.17 39.22
N SER B 160 -15.82 -11.31 38.65
CA SER B 160 -17.04 -11.70 37.91
C SER B 160 -16.80 -12.07 36.45
N PRO B 161 -17.30 -13.23 35.97
CA PRO B 161 -17.10 -13.58 34.54
C PRO B 161 -17.76 -12.57 33.60
N VAL B 162 -17.11 -12.32 32.46
CA VAL B 162 -17.59 -11.40 31.44
C VAL B 162 -17.57 -12.10 30.09
N LYS B 163 -18.76 -12.26 29.46
CA LYS B 163 -18.90 -12.91 28.15
C LYS B 163 -19.15 -11.91 27.02
N ALA B 164 -19.87 -10.80 27.28
CA ALA B 164 -20.19 -9.78 26.27
C ALA B 164 -18.93 -9.03 25.83
N GLY B 165 -18.85 -8.72 24.54
CA GLY B 165 -17.76 -7.97 23.94
C GLY B 165 -16.44 -8.70 23.80
N VAL B 166 -16.46 -10.04 23.85
CA VAL B 166 -15.26 -10.88 23.71
C VAL B 166 -15.19 -11.43 22.27
N GLU B 167 -14.04 -11.25 21.60
CA GLU B 167 -13.80 -11.79 20.25
C GLU B 167 -12.46 -12.51 20.32
N THR B 168 -12.45 -13.82 20.02
CA THR B 168 -11.22 -14.61 20.12
C THR B 168 -10.91 -15.28 18.79
N THR B 169 -9.63 -15.26 18.38
CA THR B 169 -9.25 -15.91 17.12
C THR B 169 -9.15 -17.41 17.30
N THR B 170 -9.15 -18.13 16.16
CA THR B 170 -8.88 -19.57 16.17
C THR B 170 -7.35 -19.68 16.32
N PRO B 171 -6.76 -20.76 16.88
CA PRO B 171 -5.31 -20.81 16.97
C PRO B 171 -4.65 -20.94 15.61
N SER B 172 -3.50 -20.31 15.44
CA SER B 172 -2.77 -20.32 14.18
C SER B 172 -1.37 -20.86 14.42
N LYS B 173 -0.88 -21.73 13.51
CA LYS B 173 0.45 -22.31 13.67
C LYS B 173 1.55 -21.26 13.41
N GLN B 174 2.49 -21.10 14.35
CA GLN B 174 3.65 -20.20 14.27
C GLN B 174 4.78 -20.87 13.46
N SER B 175 5.85 -20.12 13.15
CA SER B 175 7.03 -20.62 12.42
C SER B 175 7.70 -21.81 13.13
N ASN B 176 7.70 -21.80 14.49
CA ASN B 176 8.31 -22.83 15.33
C ASN B 176 7.38 -24.03 15.62
N ASN B 177 6.26 -24.13 14.90
CA ASN B 177 5.26 -25.19 14.98
C ASN B 177 4.45 -25.22 16.29
N LYS B 178 4.57 -24.17 17.13
CA LYS B 178 3.73 -23.98 18.30
C LYS B 178 2.61 -23.10 17.81
N TYR B 179 1.59 -22.78 18.66
CA TYR B 179 0.46 -21.99 18.16
C TYR B 179 0.29 -20.63 18.86
N ALA B 180 -0.38 -19.69 18.15
CA ALA B 180 -0.72 -18.35 18.67
C ALA B 180 -2.20 -18.07 18.53
N ALA B 181 -2.77 -17.27 19.46
CA ALA B 181 -4.16 -16.86 19.41
C ALA B 181 -4.25 -15.52 20.14
N SER B 182 -5.34 -14.82 19.94
CA SER B 182 -5.54 -13.55 20.63
C SER B 182 -6.98 -13.38 20.94
N SER B 183 -7.26 -12.64 22.01
CA SER B 183 -8.60 -12.40 22.48
C SER B 183 -8.71 -10.94 22.84
N TYR B 184 -9.77 -10.30 22.38
CA TYR B 184 -10.04 -8.88 22.56
C TYR B 184 -11.30 -8.69 23.35
N LEU B 185 -11.24 -7.85 24.39
CA LEU B 185 -12.43 -7.49 25.16
C LEU B 185 -12.71 -6.02 24.96
N SER B 186 -13.88 -5.69 24.37
CA SER B 186 -14.32 -4.31 24.13
C SER B 186 -15.20 -3.84 25.28
N LEU B 187 -14.82 -2.72 25.89
CA LEU B 187 -15.58 -2.14 27.00
C LEU B 187 -15.81 -0.67 26.70
N THR B 188 -16.68 -0.04 27.46
CA THR B 188 -16.81 1.39 27.36
C THR B 188 -15.74 1.97 28.35
N PRO B 189 -15.31 3.24 28.20
CA PRO B 189 -14.41 3.82 29.22
C PRO B 189 -15.02 3.74 30.64
N GLU B 190 -16.35 3.91 30.75
CA GLU B 190 -17.09 3.80 32.03
C GLU B 190 -16.90 2.44 32.67
N GLN B 191 -17.13 1.33 31.93
CA GLN B 191 -16.96 -0.03 32.43
C GLN B 191 -15.50 -0.26 32.85
N TRP B 192 -14.54 0.22 32.03
CA TRP B 192 -13.12 0.05 32.36
C TRP B 192 -12.78 0.75 33.68
N LYS B 193 -13.21 2.01 33.84
CA LYS B 193 -12.91 2.81 35.02
C LYS B 193 -13.69 2.38 36.28
N SER B 194 -14.80 1.64 36.11
CA SER B 194 -15.69 1.22 37.22
C SER B 194 -15.21 0.01 38.03
N HIS B 195 -14.26 -0.77 37.52
CA HIS B 195 -13.73 -1.95 38.20
C HIS B 195 -12.33 -1.73 38.70
N ARG B 196 -11.89 -2.51 39.71
CA ARG B 196 -10.53 -2.43 40.24
C ARG B 196 -9.55 -3.03 39.24
N SER B 197 -9.98 -4.06 38.51
CA SER B 197 -9.14 -4.73 37.53
C SER B 197 -9.95 -5.63 36.61
N TYR B 198 -9.31 -6.09 35.52
CA TYR B 198 -9.83 -7.08 34.58
C TYR B 198 -8.77 -8.12 34.40
N SER B 199 -9.20 -9.36 34.15
CA SER B 199 -8.28 -10.47 33.96
C SER B 199 -8.63 -11.29 32.77
N CYS B 200 -7.58 -11.86 32.16
CA CYS B 200 -7.68 -12.80 31.06
C CYS B 200 -7.08 -14.10 31.57
N GLN B 201 -7.88 -15.19 31.56
CA GLN B 201 -7.54 -16.54 32.04
C GLN B 201 -7.50 -17.47 30.84
N VAL B 202 -6.33 -18.03 30.54
CA VAL B 202 -6.15 -18.95 29.42
C VAL B 202 -5.98 -20.36 29.98
N THR B 203 -6.85 -21.30 29.55
CA THR B 203 -6.81 -22.69 30.00
C THR B 203 -6.30 -23.55 28.85
N HIS B 204 -5.29 -24.36 29.14
CA HIS B 204 -4.69 -25.23 28.14
C HIS B 204 -4.34 -26.56 28.81
N GLU B 205 -4.93 -27.65 28.27
CA GLU B 205 -4.77 -29.01 28.80
C GLU B 205 -5.07 -29.07 30.31
N GLY B 206 -6.16 -28.42 30.71
CA GLY B 206 -6.61 -28.35 32.10
C GLY B 206 -5.93 -27.35 33.01
N SER B 207 -4.74 -26.83 32.62
CA SER B 207 -3.97 -25.87 33.40
C SER B 207 -4.22 -24.43 32.97
N THR B 208 -4.39 -23.51 33.93
CA THR B 208 -4.71 -22.11 33.67
C THR B 208 -3.53 -21.14 33.94
N VAL B 209 -3.37 -20.16 33.02
CA VAL B 209 -2.39 -19.05 33.05
C VAL B 209 -3.25 -17.78 33.05
N GLU B 210 -3.07 -16.90 34.05
CA GLU B 210 -3.87 -15.69 34.19
C GLU B 210 -3.01 -14.43 34.24
N LYS B 211 -3.51 -13.33 33.65
CA LYS B 211 -2.90 -12.01 33.69
C LYS B 211 -3.97 -11.01 34.09
N THR B 212 -3.59 -9.96 34.83
CA THR B 212 -4.50 -8.95 35.34
C THR B 212 -3.97 -7.55 35.03
N VAL B 213 -4.88 -6.66 34.68
CA VAL B 213 -4.55 -5.26 34.40
C VAL B 213 -5.52 -4.34 35.13
N ALA B 214 -5.12 -3.10 35.36
CA ALA B 214 -5.94 -2.14 36.11
C ALA B 214 -5.81 -0.71 35.56
N PRO B 215 -6.84 0.15 35.74
CA PRO B 215 -6.73 1.56 35.29
C PRO B 215 -5.56 2.31 35.92
N THR B 216 -5.02 3.33 35.19
CA THR B 216 -3.89 4.14 35.65
C THR B 216 -4.43 5.49 36.09
N GLU B 217 -4.30 5.78 37.39
CA GLU B 217 -4.75 7.04 38.00
C GLU B 217 -3.58 7.99 38.05
N VAL C 5 8.06 44.45 4.64
CA VAL C 5 9.22 43.56 4.83
C VAL C 5 9.03 42.20 4.14
N GLN C 6 10.05 41.80 3.37
CA GLN C 6 10.09 40.53 2.66
C GLN C 6 11.30 39.72 3.09
N LEU C 7 11.22 38.40 2.96
CA LEU C 7 12.33 37.50 3.26
C LEU C 7 12.75 36.88 1.94
N VAL C 8 14.04 37.04 1.61
CA VAL C 8 14.62 36.56 0.34
C VAL C 8 15.60 35.47 0.65
N GLN C 9 15.34 34.29 0.09
CA GLN C 9 16.18 33.13 0.32
C GLN C 9 17.15 32.88 -0.85
N SER C 10 18.25 32.19 -0.56
CA SER C 10 19.23 31.80 -1.58
C SER C 10 18.65 30.73 -2.56
N GLY C 11 19.30 30.56 -3.72
CA GLY C 11 18.86 29.65 -4.78
C GLY C 11 18.97 28.17 -4.49
N ALA C 12 18.35 27.34 -5.35
CA ALA C 12 18.33 25.89 -5.26
C ALA C 12 19.72 25.28 -5.11
N GLU C 13 19.81 24.23 -4.31
CA GLU C 13 21.07 23.53 -4.06
C GLU C 13 20.93 22.09 -4.46
N VAL C 14 22.01 21.52 -5.00
CA VAL C 14 22.05 20.12 -5.38
C VAL C 14 23.27 19.55 -4.71
N LYS C 15 23.05 18.60 -3.78
CA LYS C 15 24.12 18.10 -2.93
C LYS C 15 24.23 16.59 -2.90
N LYS C 16 25.43 16.06 -2.57
CA LYS C 16 25.66 14.62 -2.49
C LYS C 16 25.37 14.13 -1.06
N PRO C 17 24.96 12.86 -0.86
CA PRO C 17 24.79 12.34 0.51
C PRO C 17 26.09 12.48 1.33
N GLY C 18 25.95 12.87 2.60
CA GLY C 18 27.09 13.06 3.51
C GLY C 18 27.63 14.47 3.55
N SER C 19 27.22 15.31 2.58
CA SER C 19 27.69 16.70 2.51
C SER C 19 26.86 17.61 3.44
N SER C 20 27.17 18.91 3.43
CA SER C 20 26.46 19.91 4.23
C SER C 20 25.97 21.02 3.31
N VAL C 21 24.83 21.65 3.66
CA VAL C 21 24.28 22.72 2.83
C VAL C 21 23.99 23.92 3.75
N LYS C 22 24.18 25.16 3.24
CA LYS C 22 23.91 26.38 4.00
C LYS C 22 23.00 27.25 3.18
N VAL C 23 21.83 27.52 3.74
CA VAL C 23 20.78 28.30 3.08
C VAL C 23 20.68 29.62 3.81
N SER C 24 20.51 30.71 3.06
CA SER C 24 20.41 32.05 3.65
C SER C 24 19.00 32.61 3.52
N CYS C 25 18.67 33.54 4.40
CA CYS C 25 17.39 34.22 4.47
C CYS C 25 17.70 35.67 4.82
N LYS C 26 17.46 36.58 3.88
CA LYS C 26 17.76 38.01 4.01
C LYS C 26 16.49 38.83 4.11
N ALA C 27 16.40 39.69 5.14
CA ALA C 27 15.27 40.58 5.28
C ALA C 27 15.48 41.72 4.26
N SER C 28 14.43 42.02 3.49
CA SER C 28 14.42 43.06 2.45
C SER C 28 13.32 44.04 2.78
N GLY C 29 13.67 45.32 2.83
CA GLY C 29 12.74 46.39 3.16
C GLY C 29 12.41 46.40 4.65
N GLY C 30 13.38 45.96 5.45
CA GLY C 30 13.28 45.87 6.91
C GLY C 30 14.41 45.09 7.53
N THR C 31 14.36 44.96 8.86
CA THR C 31 15.38 44.25 9.65
C THR C 31 14.69 43.20 10.52
N PHE C 32 15.50 42.43 11.27
CA PHE C 32 14.98 41.39 12.17
C PHE C 32 14.38 41.96 13.43
N SER C 33 14.73 43.23 13.78
CA SER C 33 14.24 43.90 14.99
C SER C 33 14.42 42.92 16.17
N ASN C 34 13.40 42.73 17.01
CA ASN C 34 13.46 41.79 18.12
C ASN C 34 12.63 40.52 17.80
N TYR C 35 12.39 40.26 16.50
CA TYR C 35 11.62 39.08 16.07
C TYR C 35 12.51 37.84 15.91
N ALA C 36 11.87 36.66 15.76
CA ALA C 36 12.62 35.45 15.53
C ALA C 36 12.50 35.02 14.07
N ILE C 37 13.48 34.27 13.60
CA ILE C 37 13.46 33.68 12.27
C ILE C 37 13.43 32.18 12.53
N ASN C 38 12.47 31.48 11.93
CA ASN C 38 12.26 30.05 12.06
C ASN C 38 12.49 29.39 10.71
N TRP C 39 12.94 28.15 10.75
CA TRP C 39 13.18 27.35 9.56
C TRP C 39 12.22 26.18 9.57
N VAL C 40 11.52 25.96 8.46
CA VAL C 40 10.50 24.92 8.32
C VAL C 40 10.72 24.27 6.96
N ARG C 41 10.72 22.95 6.89
CA ARG C 41 10.90 22.30 5.58
C ARG C 41 9.68 21.46 5.17
N GLN C 42 9.60 21.12 3.88
CA GLN C 42 8.57 20.24 3.34
C GLN C 42 9.19 19.33 2.28
N ALA C 43 9.33 18.05 2.62
CA ALA C 43 9.85 17.00 1.73
C ALA C 43 8.73 16.65 0.73
N PRO C 44 9.04 16.13 -0.50
CA PRO C 44 7.95 15.81 -1.46
C PRO C 44 6.97 14.78 -0.89
N GLY C 45 5.68 15.10 -1.01
CA GLY C 45 4.59 14.29 -0.49
C GLY C 45 4.57 14.16 1.02
N GLN C 46 5.08 15.20 1.74
CA GLN C 46 5.11 15.17 3.20
C GLN C 46 4.58 16.53 3.69
N GLY C 47 4.37 16.63 4.98
CA GLY C 47 3.89 17.87 5.58
C GLY C 47 5.00 18.83 6.01
N LEU C 48 4.61 19.93 6.62
CA LEU C 48 5.56 20.91 7.11
C LEU C 48 6.24 20.37 8.36
N GLU C 49 7.54 20.66 8.51
CA GLU C 49 8.27 20.18 9.67
C GLU C 49 9.18 21.32 10.18
N TRP C 50 9.02 21.72 11.43
CA TRP C 50 9.83 22.77 12.04
C TRP C 50 11.24 22.23 12.33
N MET C 51 12.28 23.01 11.98
CA MET C 51 13.67 22.59 12.22
C MET C 51 14.32 23.31 13.37
N GLY C 52 14.02 24.59 13.50
CA GLY C 52 14.57 25.37 14.59
C GLY C 52 14.37 26.84 14.35
N GLY C 53 14.81 27.64 15.29
CA GLY C 53 14.69 29.07 15.20
C GLY C 53 15.77 29.83 15.92
N ILE C 54 15.82 31.13 15.67
CA ILE C 54 16.79 32.02 16.33
C ILE C 54 16.13 33.37 16.55
N ILE C 55 16.54 34.05 17.62
CA ILE C 55 16.16 35.43 17.86
C ILE C 55 17.45 36.19 17.67
N PRO C 56 17.69 36.77 16.48
CA PRO C 56 19.00 37.34 16.17
C PRO C 56 19.56 38.36 17.15
N ILE C 57 18.70 39.27 17.68
CA ILE C 57 19.19 40.32 18.58
C ILE C 57 19.69 39.75 19.93
N PHE C 58 19.19 38.58 20.35
CA PHE C 58 19.61 37.96 21.62
C PHE C 58 20.53 36.75 21.44
N ALA C 59 20.67 36.27 20.19
CA ALA C 59 21.50 35.11 19.81
C ALA C 59 21.03 33.81 20.48
N THR C 60 19.74 33.70 20.79
CA THR C 60 19.21 32.46 21.37
C THR C 60 18.64 31.58 20.29
N THR C 61 18.88 30.27 20.36
CA THR C 61 18.40 29.30 19.38
C THR C 61 17.62 28.18 20.05
N ASN C 62 16.72 27.54 19.26
CA ASN C 62 15.91 26.40 19.69
C ASN C 62 15.92 25.46 18.51
N TYR C 63 16.12 24.15 18.74
CA TYR C 63 16.15 23.18 17.66
C TYR C 63 15.17 22.05 17.87
N ALA C 64 14.61 21.54 16.78
CA ALA C 64 13.73 20.36 16.82
C ALA C 64 14.63 19.17 17.25
N GLN C 65 14.16 18.34 18.20
CA GLN C 65 14.93 17.21 18.77
C GLN C 65 15.49 16.26 17.74
N LYS C 66 14.77 16.03 16.63
CA LYS C 66 15.22 15.14 15.53
C LYS C 66 16.42 15.70 14.75
N PHE C 67 16.69 17.02 14.83
CA PHE C 67 17.78 17.72 14.13
C PHE C 67 18.93 18.21 15.01
N GLN C 68 18.78 18.11 16.35
CA GLN C 68 19.84 18.51 17.28
C GLN C 68 21.15 17.78 16.89
N GLY C 69 22.23 18.53 16.77
CA GLY C 69 23.55 18.04 16.41
C GLY C 69 23.79 17.94 14.92
N ARG C 70 22.78 18.27 14.10
CA ARG C 70 22.87 18.22 12.62
C ARG C 70 22.49 19.58 12.00
N VAL C 71 21.65 20.37 12.70
CA VAL C 71 21.26 21.69 12.21
C VAL C 71 21.94 22.77 13.05
N THR C 72 22.43 23.82 12.36
CA THR C 72 23.01 25.01 13.02
C THR C 72 22.37 26.24 12.40
N ILE C 73 21.75 27.10 13.25
CA ILE C 73 21.09 28.33 12.81
C ILE C 73 21.85 29.50 13.39
N THR C 74 22.24 30.43 12.51
CA THR C 74 23.03 31.61 12.88
C THR C 74 22.43 32.84 12.21
N ALA C 75 22.84 34.02 12.66
CA ALA C 75 22.33 35.23 12.04
C ALA C 75 23.37 36.34 12.13
N ASP C 76 23.31 37.31 11.22
CA ASP C 76 24.16 38.49 11.21
C ASP C 76 23.26 39.73 11.10
N GLU C 77 23.17 40.49 12.21
CA GLU C 77 22.38 41.72 12.35
C GLU C 77 22.79 42.85 11.39
N SER C 78 24.08 42.90 10.97
CA SER C 78 24.60 43.94 10.06
C SER C 78 24.02 43.85 8.65
N THR C 79 23.87 42.62 8.10
CA THR C 79 23.29 42.40 6.77
C THR C 79 21.82 41.97 6.87
N SER C 80 21.34 41.75 8.12
CA SER C 80 20.00 41.22 8.45
C SER C 80 19.79 39.93 7.67
N THR C 81 20.72 38.98 7.88
CA THR C 81 20.72 37.68 7.22
C THR C 81 20.76 36.56 8.24
N ALA C 82 19.91 35.57 8.05
CA ALA C 82 19.89 34.41 8.92
C ALA C 82 20.30 33.23 8.05
N TYR C 83 20.87 32.21 8.66
CA TYR C 83 21.35 31.04 7.93
C TYR C 83 20.94 29.76 8.61
N MET C 84 20.73 28.71 7.82
CA MET C 84 20.48 27.38 8.34
C MET C 84 21.50 26.48 7.63
N GLU C 85 22.27 25.73 8.39
CA GLU C 85 23.23 24.75 7.87
C GLU C 85 22.82 23.36 8.35
N LEU C 86 22.60 22.45 7.39
CA LEU C 86 22.20 21.08 7.66
C LEU C 86 23.31 20.17 7.19
N SER C 87 23.90 19.38 8.11
CA SER C 87 25.04 18.50 7.79
C SER C 87 24.63 17.03 7.67
N SER C 88 25.58 16.16 7.21
CA SER C 88 25.38 14.74 6.97
C SER C 88 24.09 14.52 6.19
N LEU C 89 23.97 15.18 5.05
CA LEU C 89 22.77 15.09 4.22
C LEU C 89 22.44 13.67 3.76
N ARG C 90 21.15 13.32 3.78
CA ARG C 90 20.65 12.01 3.32
C ARG C 90 19.54 12.28 2.30
N SER C 91 19.14 11.25 1.53
CA SER C 91 18.07 11.40 0.54
C SER C 91 16.77 11.95 1.14
N GLU C 92 16.49 11.64 2.42
CA GLU C 92 15.31 12.10 3.17
C GLU C 92 15.35 13.63 3.42
N ASP C 93 16.53 14.27 3.21
CA ASP C 93 16.65 15.72 3.42
C ASP C 93 16.28 16.51 2.17
N THR C 94 16.00 15.81 1.03
CA THR C 94 15.53 16.50 -0.17
C THR C 94 14.17 17.16 0.19
N ALA C 95 14.07 18.48 0.06
CA ALA C 95 12.87 19.21 0.50
C ALA C 95 12.99 20.64 0.10
N VAL C 96 11.89 21.40 0.26
CA VAL C 96 11.91 22.84 0.10
C VAL C 96 12.09 23.35 1.54
N TYR C 97 13.05 24.26 1.76
CA TYR C 97 13.36 24.83 3.07
C TYR C 97 12.88 26.26 3.09
N PHE C 98 12.00 26.59 4.03
CA PHE C 98 11.49 27.95 4.16
C PHE C 98 12.01 28.62 5.41
N CYS C 99 12.21 29.94 5.35
CA CYS C 99 12.43 30.71 6.56
C CYS C 99 11.15 31.51 6.75
N ALA C 100 10.87 31.89 8.00
CA ALA C 100 9.67 32.67 8.31
C ALA C 100 9.94 33.53 9.54
N ARG C 101 9.34 34.72 9.57
CA ARG C 101 9.49 35.61 10.69
C ARG C 101 8.30 35.44 11.63
N ASP C 102 8.54 35.37 12.95
CA ASP C 102 7.42 35.26 13.88
C ASP C 102 6.92 36.65 14.34
N LYS C 103 5.74 36.70 14.97
CA LYS C 103 5.15 37.97 15.40
C LYS C 103 4.62 37.79 16.82
N HIS C 104 5.37 38.30 17.82
CA HIS C 104 5.03 38.13 19.23
C HIS C 104 3.61 38.60 19.58
N SER C 105 3.13 39.70 18.98
CA SER C 105 1.76 40.19 19.25
C SER C 105 0.64 39.28 18.66
N TRP C 106 1.01 38.40 17.74
CA TRP C 106 0.11 37.43 17.13
C TRP C 106 0.40 36.02 17.65
N SER C 107 0.71 35.94 18.97
CA SER C 107 1.04 34.67 19.67
C SER C 107 2.17 33.92 18.94
N TYR C 108 3.17 34.69 18.43
CA TYR C 108 4.37 34.16 17.79
C TYR C 108 4.12 33.43 16.44
N ALA C 109 2.99 33.73 15.82
CA ALA C 109 2.63 33.16 14.51
C ALA C 109 3.65 33.57 13.44
N PHE C 110 3.78 32.77 12.37
CA PHE C 110 4.77 33.00 11.29
C PHE C 110 4.01 33.77 10.22
N ASP C 111 4.08 35.10 10.27
CA ASP C 111 3.27 35.93 9.36
C ASP C 111 3.92 36.19 8.00
N ILE C 112 5.23 36.23 7.94
CA ILE C 112 6.01 36.51 6.72
C ILE C 112 6.91 35.31 6.43
N TRP C 113 6.84 34.82 5.21
CA TRP C 113 7.60 33.65 4.79
C TRP C 113 8.50 33.97 3.59
N GLY C 114 9.67 33.35 3.54
CA GLY C 114 10.56 33.42 2.38
C GLY C 114 9.94 32.61 1.24
N GLN C 115 10.52 32.67 0.04
CA GLN C 115 9.95 31.96 -1.12
C GLN C 115 10.28 30.45 -1.12
N GLY C 116 11.23 30.06 -0.28
CA GLY C 116 11.64 28.66 -0.18
C GLY C 116 12.88 28.41 -1.01
N THR C 117 13.67 27.45 -0.57
CA THR C 117 14.89 27.02 -1.27
C THR C 117 14.79 25.53 -1.44
N MET C 118 14.91 25.03 -2.68
CA MET C 118 14.88 23.59 -2.92
C MET C 118 16.29 23.06 -2.68
N VAL C 119 16.39 21.97 -1.89
CA VAL C 119 17.63 21.24 -1.69
C VAL C 119 17.37 19.84 -2.17
N THR C 120 18.16 19.37 -3.16
CA THR C 120 18.06 18.00 -3.70
C THR C 120 19.30 17.26 -3.29
N VAL C 121 19.14 16.12 -2.63
CA VAL C 121 20.23 15.25 -2.19
C VAL C 121 20.23 14.01 -3.06
N SER C 122 21.31 13.79 -3.83
CA SER C 122 21.36 12.68 -4.78
C SER C 122 22.83 12.30 -5.07
N SER C 123 23.05 11.02 -5.42
CA SER C 123 24.34 10.52 -5.84
C SER C 123 24.58 10.80 -7.35
N ALA C 124 23.57 11.32 -8.04
CA ALA C 124 23.70 11.60 -9.47
C ALA C 124 24.66 12.79 -9.73
N SER C 125 25.20 12.85 -10.96
CA SER C 125 26.09 13.93 -11.38
C SER C 125 25.41 14.68 -12.52
N THR C 126 25.75 15.99 -12.65
CA THR C 126 25.15 16.82 -13.72
C THR C 126 25.27 16.16 -15.09
N LYS C 127 24.16 16.19 -15.86
CA LYS C 127 24.14 15.62 -17.20
C LYS C 127 23.11 16.36 -18.03
N GLY C 128 23.52 16.83 -19.19
CA GLY C 128 22.61 17.51 -20.11
C GLY C 128 21.72 16.47 -20.81
N PRO C 129 20.51 16.84 -21.23
CA PRO C 129 19.61 15.83 -21.83
C PRO C 129 19.95 15.46 -23.26
N SER C 130 19.49 14.28 -23.71
CA SER C 130 19.50 13.84 -25.09
C SER C 130 18.07 14.19 -25.53
N VAL C 131 17.91 14.88 -26.65
CA VAL C 131 16.59 15.29 -27.10
C VAL C 131 16.25 14.52 -28.37
N PHE C 132 15.04 13.89 -28.40
CA PHE C 132 14.61 13.12 -29.57
C PHE C 132 13.28 13.62 -30.10
N PRO C 133 13.10 13.69 -31.43
CA PRO C 133 11.81 14.13 -31.97
C PRO C 133 10.77 13.02 -31.82
N LEU C 134 9.52 13.40 -31.58
CA LEU C 134 8.37 12.46 -31.51
C LEU C 134 7.50 12.79 -32.69
N ALA C 135 7.67 12.00 -33.79
CA ALA C 135 7.02 12.28 -35.06
C ALA C 135 5.52 12.34 -34.96
N PRO C 136 4.90 13.25 -35.75
CA PRO C 136 3.44 13.42 -35.67
C PRO C 136 2.66 12.13 -35.85
N SER C 137 1.65 11.93 -35.02
CA SER C 137 0.79 10.76 -35.10
C SER C 137 -0.65 11.23 -34.97
N SER C 138 -1.63 10.48 -35.52
N SER C 138 -1.61 10.46 -35.51
CA SER C 138 -3.04 10.87 -35.46
CA SER C 138 -3.03 10.82 -35.46
C SER C 138 -3.56 10.94 -34.03
C SER C 138 -3.55 10.94 -34.02
N LYS C 139 -4.27 12.03 -33.71
CA LYS C 139 -4.85 12.23 -32.36
C LYS C 139 -6.37 12.04 -32.51
N SER C 140 -7.02 12.89 -33.32
CA SER C 140 -8.46 12.79 -33.63
C SER C 140 -8.62 12.91 -35.12
N THR C 141 -9.06 11.82 -35.78
CA THR C 141 -9.29 11.83 -37.22
C THR C 141 -10.48 12.74 -37.57
N SER C 142 -11.56 12.67 -36.76
CA SER C 142 -12.77 13.50 -36.95
C SER C 142 -12.46 14.98 -36.79
N GLY C 143 -11.58 15.31 -35.83
CA GLY C 143 -11.13 16.67 -35.56
C GLY C 143 -9.97 17.14 -36.42
N GLY C 144 -9.39 16.22 -37.20
CA GLY C 144 -8.26 16.47 -38.09
C GLY C 144 -7.04 16.92 -37.32
N THR C 145 -6.81 16.29 -36.19
CA THR C 145 -5.74 16.68 -35.28
C THR C 145 -4.64 15.61 -35.17
N ALA C 146 -3.40 16.09 -34.91
CA ALA C 146 -2.23 15.24 -34.74
C ALA C 146 -1.48 15.66 -33.48
N ALA C 147 -0.69 14.75 -32.94
CA ALA C 147 0.15 15.08 -31.81
C ALA C 147 1.60 14.85 -32.24
N LEU C 148 2.48 15.77 -31.87
CA LEU C 148 3.92 15.59 -32.12
C LEU C 148 4.63 16.13 -30.88
N GLY C 149 5.90 15.83 -30.73
CA GLY C 149 6.59 16.36 -29.56
C GLY C 149 8.05 16.12 -29.52
N CYS C 150 8.64 16.32 -28.33
N CYS C 150 8.63 16.25 -28.34
CA CYS C 150 10.04 16.08 -28.05
CA CYS C 150 10.03 15.91 -28.15
C CYS C 150 10.23 15.35 -26.75
C CYS C 150 10.21 15.30 -26.81
N LEU C 151 11.06 14.31 -26.78
CA LEU C 151 11.44 13.55 -25.60
C LEU C 151 12.77 14.16 -25.13
N VAL C 152 12.79 14.60 -23.87
CA VAL C 152 13.97 15.22 -23.23
C VAL C 152 14.46 14.15 -22.25
N LYS C 153 15.43 13.35 -22.68
CA LYS C 153 15.81 12.17 -21.95
C LYS C 153 17.07 12.26 -21.11
N ASP C 154 17.02 11.65 -19.90
CA ASP C 154 18.15 11.41 -19.00
C ASP C 154 19.00 12.62 -18.65
N TYR C 155 18.42 13.57 -17.94
CA TYR C 155 19.17 14.76 -17.50
C TYR C 155 19.20 14.85 -15.98
N PHE C 156 20.11 15.64 -15.45
CA PHE C 156 20.19 15.87 -14.02
C PHE C 156 20.97 17.15 -13.80
N PRO C 157 20.57 18.00 -12.85
CA PRO C 157 19.37 17.95 -12.01
C PRO C 157 18.21 18.66 -12.73
N GLU C 158 17.10 18.85 -12.03
CA GLU C 158 16.03 19.69 -12.57
C GLU C 158 16.57 21.15 -12.44
N PRO C 159 16.06 22.13 -13.20
CA PRO C 159 14.95 22.06 -14.18
C PRO C 159 15.43 22.17 -15.62
N VAL C 160 14.50 21.88 -16.56
CA VAL C 160 14.66 22.12 -18.00
C VAL C 160 13.51 23.00 -18.43
N THR C 161 13.70 23.77 -19.50
CA THR C 161 12.59 24.54 -20.05
C THR C 161 12.50 24.11 -21.49
N VAL C 162 11.26 24.12 -22.02
CA VAL C 162 10.98 23.76 -23.40
C VAL C 162 10.11 24.83 -24.02
N SER C 163 10.50 25.31 -25.20
CA SER C 163 9.67 26.21 -25.98
C SER C 163 9.56 25.62 -27.40
N TRP C 164 8.58 26.10 -28.18
CA TRP C 164 8.38 25.66 -29.55
C TRP C 164 8.48 26.85 -30.47
N ASN C 165 9.26 26.68 -31.55
CA ASN C 165 9.49 27.73 -32.58
C ASN C 165 9.93 29.07 -31.94
N SER C 166 10.91 28.98 -31.01
CA SER C 166 11.45 30.14 -30.27
C SER C 166 10.37 30.98 -29.56
N GLY C 167 9.35 30.28 -29.04
CA GLY C 167 8.24 30.88 -28.32
C GLY C 167 7.08 31.39 -29.18
N ALA C 168 7.18 31.25 -30.52
CA ALA C 168 6.12 31.69 -31.43
C ALA C 168 4.90 30.73 -31.42
N LEU C 169 5.12 29.47 -30.99
CA LEU C 169 4.09 28.43 -30.89
C LEU C 169 3.77 28.12 -29.43
N THR C 170 2.57 28.53 -28.97
CA THR C 170 2.14 28.31 -27.58
C THR C 170 0.80 27.57 -27.49
N SER C 171 -0.09 27.78 -28.45
CA SER C 171 -1.38 27.12 -28.47
C SER C 171 -1.21 25.62 -28.73
N GLY C 172 -1.84 24.80 -27.89
CA GLY C 172 -1.81 23.35 -28.00
C GLY C 172 -0.56 22.70 -27.44
N VAL C 173 0.29 23.48 -26.75
CA VAL C 173 1.52 22.94 -26.15
C VAL C 173 1.24 22.41 -24.74
N HIS C 174 1.73 21.18 -24.46
CA HIS C 174 1.66 20.59 -23.14
C HIS C 174 3.00 19.98 -22.78
N THR C 175 3.73 20.60 -21.84
CA THR C 175 4.99 20.07 -21.34
C THR C 175 4.69 19.35 -20.02
N PHE C 176 4.95 18.04 -19.99
CA PHE C 176 4.62 17.16 -18.86
C PHE C 176 5.68 17.19 -17.76
N PRO C 177 5.27 17.12 -16.47
CA PRO C 177 6.26 17.03 -15.39
C PRO C 177 7.18 15.81 -15.62
N ALA C 178 8.45 15.94 -15.22
CA ALA C 178 9.43 14.90 -15.45
C ALA C 178 9.22 13.68 -14.56
N VAL C 179 9.66 12.53 -15.06
CA VAL C 179 9.74 11.31 -14.28
C VAL C 179 11.16 11.24 -13.69
N LEU C 180 11.30 10.77 -12.44
CA LEU C 180 12.61 10.55 -11.84
C LEU C 180 12.83 9.05 -11.88
N GLN C 181 13.78 8.63 -12.72
CA GLN C 181 14.06 7.21 -13.00
C GLN C 181 14.91 6.57 -11.91
N SER C 182 14.93 5.23 -11.88
CA SER C 182 15.73 4.48 -10.88
C SER C 182 17.24 4.75 -11.09
N SER C 183 17.62 5.17 -12.34
CA SER C 183 18.98 5.55 -12.70
C SER C 183 19.45 6.81 -11.94
N GLY C 184 18.52 7.61 -11.42
CA GLY C 184 18.82 8.88 -10.75
C GLY C 184 18.64 10.06 -11.69
N LEU C 185 18.30 9.79 -12.96
CA LEU C 185 18.14 10.82 -14.00
C LEU C 185 16.68 11.11 -14.29
N TYR C 186 16.39 12.31 -14.77
CA TYR C 186 15.02 12.70 -15.13
C TYR C 186 14.78 12.60 -16.63
N SER C 187 13.50 12.44 -17.01
CA SER C 187 13.08 12.51 -18.40
C SER C 187 11.73 13.23 -18.43
N LEU C 188 11.49 14.02 -19.48
CA LEU C 188 10.18 14.61 -19.68
C LEU C 188 9.85 14.64 -21.16
N SER C 189 8.58 14.91 -21.48
CA SER C 189 8.15 15.09 -22.86
C SER C 189 7.35 16.35 -22.98
N SER C 190 7.42 16.98 -24.15
CA SER C 190 6.59 18.15 -24.46
C SER C 190 5.84 17.78 -25.74
N VAL C 191 4.51 17.93 -25.74
CA VAL C 191 3.65 17.54 -26.89
C VAL C 191 2.85 18.73 -27.38
N VAL C 192 2.70 18.86 -28.70
CA VAL C 192 1.90 19.89 -29.35
C VAL C 192 0.79 19.21 -30.11
N THR C 193 -0.46 19.68 -29.91
CA THR C 193 -1.62 19.26 -30.69
C THR C 193 -1.74 20.25 -31.85
N VAL C 194 -1.65 19.75 -33.07
CA VAL C 194 -1.67 20.55 -34.30
C VAL C 194 -2.68 20.03 -35.34
N PRO C 195 -3.09 20.85 -36.34
CA PRO C 195 -3.97 20.32 -37.40
C PRO C 195 -3.16 19.38 -38.30
N SER C 196 -3.76 18.26 -38.73
CA SER C 196 -3.09 17.29 -39.62
C SER C 196 -2.78 17.90 -41.01
N SER C 197 -3.64 18.83 -41.48
CA SER C 197 -3.53 19.54 -42.77
C SER C 197 -2.26 20.39 -42.90
N SER C 198 -1.75 20.89 -41.76
CA SER C 198 -0.56 21.73 -41.67
C SER C 198 0.75 20.92 -41.73
N LEU C 199 0.69 19.58 -41.53
CA LEU C 199 1.89 18.75 -41.37
C LEU C 199 2.85 18.76 -42.56
N GLY C 200 2.34 18.83 -43.78
CA GLY C 200 3.26 18.87 -44.92
C GLY C 200 4.01 20.19 -45.09
N THR C 201 3.59 21.27 -44.36
CA THR C 201 4.13 22.61 -44.58
C THR C 201 4.64 23.38 -43.34
N GLN C 202 3.92 23.34 -42.18
CA GLN C 202 4.34 24.09 -40.99
C GLN C 202 5.58 23.44 -40.37
N THR C 203 6.58 24.25 -39.97
CA THR C 203 7.81 23.78 -39.31
C THR C 203 7.59 23.76 -37.79
N TYR C 204 8.07 22.68 -37.12
CA TYR C 204 7.95 22.56 -35.67
C TYR C 204 9.33 22.24 -35.12
N ILE C 205 9.86 23.17 -34.32
CA ILE C 205 11.18 23.02 -33.68
C ILE C 205 11.01 23.13 -32.18
N CYS C 206 11.50 22.14 -31.42
CA CYS C 206 11.44 22.34 -29.98
C CYS C 206 12.80 22.84 -29.51
N ASN C 207 12.78 23.81 -28.60
CA ASN C 207 13.98 24.42 -28.03
C ASN C 207 14.08 23.99 -26.57
N VAL C 208 15.15 23.31 -26.23
CA VAL C 208 15.33 22.77 -24.87
C VAL C 208 16.55 23.45 -24.23
N ASN C 209 16.34 23.97 -23.02
CA ASN C 209 17.40 24.60 -22.23
C ASN C 209 17.59 23.80 -20.93
N HIS C 210 18.83 23.54 -20.56
CA HIS C 210 19.13 22.89 -19.28
C HIS C 210 20.31 23.70 -18.68
N LYS C 211 19.99 24.79 -18.00
CA LYS C 211 20.99 25.68 -17.41
C LYS C 211 22.05 24.98 -16.52
N PRO C 212 21.70 24.00 -15.64
CA PRO C 212 22.76 23.35 -14.83
C PRO C 212 23.92 22.71 -15.63
N SER C 213 23.67 22.25 -16.87
CA SER C 213 24.74 21.65 -17.68
C SER C 213 25.17 22.57 -18.83
N ASN C 214 24.68 23.83 -18.83
CA ASN C 214 25.02 24.83 -19.86
C ASN C 214 24.54 24.34 -21.23
N THR C 215 23.39 23.60 -21.32
CA THR C 215 22.94 22.97 -22.55
C THR C 215 21.79 23.72 -23.22
N LYS C 216 21.92 23.95 -24.53
CA LYS C 216 20.85 24.57 -25.34
C LYS C 216 20.77 23.68 -26.58
N VAL C 217 19.62 23.06 -26.82
CA VAL C 217 19.45 22.14 -27.96
C VAL C 217 18.17 22.53 -28.72
N ASP C 218 18.20 22.32 -30.03
CA ASP C 218 17.01 22.46 -30.87
C ASP C 218 16.78 21.12 -31.52
N LYS C 219 15.52 20.80 -31.81
CA LYS C 219 15.21 19.57 -32.52
C LYS C 219 14.04 19.81 -33.45
N LYS C 220 14.28 19.64 -34.75
CA LYS C 220 13.23 19.75 -35.75
C LYS C 220 12.39 18.46 -35.66
N VAL C 221 11.05 18.61 -35.67
CA VAL C 221 10.11 17.49 -35.60
C VAL C 221 9.35 17.46 -36.93
N GLU C 222 9.69 16.52 -37.79
CA GLU C 222 9.09 16.41 -39.13
C GLU C 222 8.20 15.14 -39.23
N PRO C 223 7.29 15.08 -40.22
CA PRO C 223 6.46 13.88 -40.39
C PRO C 223 7.31 12.62 -40.59
N LYS C 224 6.82 11.49 -40.06
CA LYS C 224 7.50 10.20 -40.13
C LYS C 224 7.80 9.81 -41.59
N SER C 225 9.03 9.37 -41.87
CA SER C 225 9.41 8.95 -43.23
C SER C 225 10.52 7.90 -43.26
N CYS C 226 10.76 7.31 -44.45
CA CYS C 226 11.79 6.31 -44.74
C CYS C 226 13.19 6.94 -44.68
N GLN D 4 6.26 10.74 12.77
CA GLN D 4 4.89 11.20 13.02
C GLN D 4 4.86 12.60 13.62
N SER D 5 3.88 13.43 13.19
CA SER D 5 3.66 14.79 13.71
C SER D 5 3.12 14.71 15.16
N VAL D 6 3.46 15.69 16.04
CA VAL D 6 3.00 15.58 17.43
C VAL D 6 1.52 16.07 17.54
N LEU D 7 1.04 16.93 16.61
CA LEU D 7 -0.36 17.32 16.55
C LEU D 7 -1.00 16.43 15.47
N THR D 8 -2.18 15.88 15.76
CA THR D 8 -2.87 14.97 14.85
C THR D 8 -3.99 15.67 14.11
N GLN D 9 -3.97 15.57 12.80
CA GLN D 9 -5.02 16.10 11.94
C GLN D 9 -5.54 14.96 11.07
N PRO D 10 -6.82 14.98 10.64
CA PRO D 10 -7.25 13.95 9.68
C PRO D 10 -6.53 14.20 8.34
N PRO D 11 -6.07 13.17 7.62
CA PRO D 11 -5.33 13.45 6.37
C PRO D 11 -6.14 14.12 5.28
N SER D 12 -7.46 13.93 5.30
CA SER D 12 -8.37 14.44 4.27
C SER D 12 -9.64 15.05 4.83
N ALA D 13 -10.22 15.98 4.07
CA ALA D 13 -11.53 16.58 4.33
C ALA D 13 -12.14 16.94 2.99
N SER D 14 -13.47 16.98 2.94
CA SER D 14 -14.14 17.31 1.68
C SER D 14 -15.36 18.14 2.01
N GLY D 15 -15.67 19.07 1.11
CA GLY D 15 -16.84 19.93 1.27
C GLY D 15 -17.46 20.28 -0.06
N THR D 16 -18.69 20.76 0.00
CA THR D 16 -19.46 21.17 -1.17
C THR D 16 -19.33 22.69 -1.35
N PRO D 17 -19.17 23.21 -2.61
CA PRO D 17 -19.13 24.67 -2.80
C PRO D 17 -20.33 25.39 -2.18
N GLY D 18 -20.06 26.50 -1.47
CA GLY D 18 -21.09 27.28 -0.81
C GLY D 18 -21.43 26.82 0.59
N LEU D 19 -20.97 25.61 0.97
CA LEU D 19 -21.26 25.04 2.28
C LEU D 19 -20.08 25.16 3.27
N ARG D 20 -20.22 24.56 4.46
CA ARG D 20 -19.20 24.65 5.52
C ARG D 20 -18.42 23.35 5.65
N VAL D 21 -17.16 23.42 6.17
CA VAL D 21 -16.30 22.27 6.45
C VAL D 21 -15.49 22.64 7.70
N THR D 22 -15.14 21.62 8.53
CA THR D 22 -14.31 21.82 9.72
C THR D 22 -13.09 20.92 9.57
N ILE D 23 -11.93 21.44 9.97
CA ILE D 23 -10.67 20.71 9.99
C ILE D 23 -10.21 20.69 11.43
N SER D 24 -9.99 19.52 11.99
CA SER D 24 -9.62 19.37 13.40
C SER D 24 -8.12 19.17 13.60
N CYS D 25 -7.68 19.47 14.80
CA CYS D 25 -6.31 19.39 15.24
C CYS D 25 -6.30 18.92 16.69
N SER D 26 -5.70 17.78 16.95
CA SER D 26 -5.67 17.21 18.31
C SER D 26 -4.24 17.25 18.85
N GLY D 27 -4.10 17.65 20.10
CA GLY D 27 -2.81 17.76 20.75
C GLY D 27 -2.82 17.23 22.18
N SER D 28 -1.97 17.82 23.03
CA SER D 28 -1.82 17.41 24.42
C SER D 28 -1.76 18.61 25.36
N SER D 29 -1.68 18.35 26.66
CA SER D 29 -1.60 19.38 27.68
C SER D 29 -0.39 20.31 27.50
N SER D 30 0.75 19.80 26.99
CA SER D 30 1.96 20.63 26.82
C SER D 30 1.94 21.56 25.60
N ASN D 31 1.07 21.26 24.60
CA ASN D 31 1.04 22.12 23.42
C ASN D 31 -0.29 22.90 23.37
N ILE D 32 -1.34 22.38 22.69
CA ILE D 32 -2.66 23.01 22.59
C ILE D 32 -3.27 23.28 23.98
N GLY D 33 -3.07 22.36 24.93
CA GLY D 33 -3.60 22.53 26.28
C GLY D 33 -3.07 23.76 27.02
N SER D 34 -1.86 24.22 26.68
CA SER D 34 -1.20 25.34 27.35
C SER D 34 -0.97 26.58 26.48
N ASN D 35 -1.01 26.42 25.16
CA ASN D 35 -0.63 27.48 24.23
C ASN D 35 -1.68 27.71 23.17
N THR D 36 -1.49 28.77 22.37
CA THR D 36 -2.43 29.12 21.31
C THR D 36 -2.11 28.33 20.05
N VAL D 37 -3.09 28.25 19.14
CA VAL D 37 -2.94 27.52 17.91
C VAL D 37 -2.96 28.50 16.72
N ASN D 38 -2.12 28.23 15.71
CA ASN D 38 -2.06 29.01 14.48
C ASN D 38 -2.41 28.07 13.36
N TRP D 39 -2.99 28.59 12.27
CA TRP D 39 -3.37 27.78 11.11
C TRP D 39 -2.76 28.34 9.86
N TYR D 40 -2.25 27.45 8.99
CA TYR D 40 -1.62 27.85 7.73
C TYR D 40 -2.26 27.13 6.57
N GLN D 41 -2.38 27.82 5.43
CA GLN D 41 -2.91 27.27 4.16
C GLN D 41 -1.70 27.11 3.25
N HIS D 42 -1.62 25.98 2.55
CA HIS D 42 -0.46 25.76 1.71
C HIS D 42 -0.83 25.04 0.44
N LEU D 43 -0.28 25.51 -0.65
CA LEU D 43 -0.35 24.90 -1.97
C LEU D 43 1.11 24.64 -2.37
N PRO D 44 1.65 23.37 -2.35
CA PRO D 44 3.07 23.16 -2.72
C PRO D 44 3.43 23.88 -4.02
N GLY D 45 4.57 24.56 -4.00
CA GLY D 45 5.01 25.43 -5.08
C GLY D 45 4.95 26.89 -4.67
N THR D 46 4.25 27.21 -3.54
CA THR D 46 4.16 28.58 -2.98
C THR D 46 4.38 28.49 -1.45
N ALA D 47 4.75 29.60 -0.82
CA ALA D 47 4.97 29.51 0.62
C ALA D 47 3.65 29.32 1.39
N PRO D 48 3.65 28.68 2.59
CA PRO D 48 2.44 28.66 3.41
C PRO D 48 2.01 30.09 3.76
N LYS D 49 0.71 30.24 4.00
CA LYS D 49 0.11 31.54 4.32
C LYS D 49 -0.59 31.44 5.67
N LEU D 50 -0.35 32.41 6.56
CA LEU D 50 -1.00 32.42 7.87
C LEU D 50 -2.49 32.75 7.71
N LEU D 51 -3.37 31.87 8.22
CA LEU D 51 -4.82 32.08 8.13
C LEU D 51 -5.43 32.57 9.45
N ILE D 52 -4.98 31.96 10.56
CA ILE D 52 -5.51 32.23 11.90
C ILE D 52 -4.34 32.25 12.85
N HIS D 53 -4.30 33.25 13.76
CA HIS D 53 -3.30 33.24 14.81
C HIS D 53 -4.04 33.34 16.15
N SER D 54 -3.36 33.00 17.28
CA SER D 54 -3.92 33.16 18.64
C SER D 54 -5.30 32.47 18.76
N ASN D 55 -5.43 31.23 18.24
CA ASN D 55 -6.64 30.38 18.20
C ASN D 55 -7.71 30.81 17.24
N ASN D 56 -8.06 32.10 17.22
CA ASN D 56 -9.23 32.55 16.46
C ASN D 56 -9.11 33.93 15.79
N GLN D 57 -7.92 34.48 15.69
CA GLN D 57 -7.76 35.81 15.07
C GLN D 57 -7.38 35.76 13.59
N ARG D 58 -8.10 36.49 12.76
CA ARG D 58 -7.72 36.56 11.35
C ARG D 58 -6.76 37.73 11.11
N PRO D 59 -5.65 37.50 10.39
CA PRO D 59 -4.78 38.62 9.96
C PRO D 59 -5.58 39.40 8.92
N SER D 60 -5.22 40.66 8.66
CA SER D 60 -5.90 41.44 7.62
C SER D 60 -5.69 40.77 6.24
N GLY D 61 -6.74 40.76 5.43
CA GLY D 61 -6.71 40.11 4.12
C GLY D 61 -7.24 38.68 4.10
N VAL D 62 -7.44 38.07 5.28
CA VAL D 62 -8.03 36.73 5.36
C VAL D 62 -9.56 36.89 5.44
N PRO D 63 -10.32 36.30 4.49
CA PRO D 63 -11.79 36.47 4.49
C PRO D 63 -12.46 35.94 5.76
N ASP D 64 -13.59 36.57 6.17
CA ASP D 64 -14.30 36.15 7.38
C ASP D 64 -14.92 34.75 7.27
N ARG D 65 -14.81 34.09 6.09
CA ARG D 65 -15.24 32.70 5.87
C ARG D 65 -14.38 31.73 6.71
N PHE D 66 -13.14 32.13 7.07
CA PHE D 66 -12.23 31.32 7.89
C PHE D 66 -12.36 31.70 9.35
N SER D 67 -12.62 30.71 10.22
CA SER D 67 -12.71 30.98 11.66
C SER D 67 -11.98 29.87 12.40
N GLY D 68 -11.49 30.16 13.57
CA GLY D 68 -10.76 29.19 14.37
C GLY D 68 -11.34 29.13 15.77
N SER D 69 -11.17 27.98 16.43
CA SER D 69 -11.63 27.82 17.80
C SER D 69 -10.73 26.81 18.50
N LYS D 70 -10.62 26.90 19.81
CA LYS D 70 -9.79 25.98 20.57
C LYS D 70 -10.60 25.55 21.80
N SER D 71 -10.51 24.27 22.19
CA SER D 71 -11.20 23.75 23.36
C SER D 71 -10.36 22.60 23.92
N GLY D 72 -9.95 22.71 25.19
CA GLY D 72 -9.15 21.68 25.83
C GLY D 72 -7.80 21.51 25.15
N THR D 73 -7.56 20.31 24.61
CA THR D 73 -6.32 19.98 23.92
C THR D 73 -6.56 19.83 22.41
N SER D 74 -7.66 20.39 21.90
CA SER D 74 -8.02 20.32 20.49
C SER D 74 -8.37 21.70 19.93
N ALA D 75 -8.18 21.87 18.63
CA ALA D 75 -8.50 23.12 17.95
C ALA D 75 -9.13 22.80 16.62
N SER D 76 -9.87 23.76 16.04
CA SER D 76 -10.47 23.51 14.75
C SER D 76 -10.49 24.76 13.89
N LEU D 77 -10.40 24.55 12.59
CA LEU D 77 -10.50 25.58 11.57
C LEU D 77 -11.81 25.33 10.84
N ALA D 78 -12.66 26.36 10.75
CA ALA D 78 -13.94 26.20 10.06
C ALA D 78 -13.91 27.07 8.84
N ILE D 79 -14.39 26.55 7.73
CA ILE D 79 -14.46 27.30 6.48
C ILE D 79 -15.89 27.33 6.02
N SER D 80 -16.48 28.52 5.92
CA SER D 80 -17.85 28.63 5.43
C SER D 80 -17.83 29.12 3.98
N GLY D 81 -18.97 28.99 3.30
CA GLY D 81 -19.12 29.39 1.90
C GLY D 81 -17.97 28.93 1.03
N LEU D 82 -17.63 27.62 1.15
CA LEU D 82 -16.52 27.00 0.42
C LEU D 82 -16.44 27.38 -1.06
N GLN D 83 -15.24 27.75 -1.49
CA GLN D 83 -14.94 28.12 -2.89
C GLN D 83 -13.93 27.12 -3.43
N SER D 84 -13.93 26.89 -4.76
CA SER D 84 -12.94 26.00 -5.38
C SER D 84 -11.49 26.41 -5.04
N GLU D 85 -11.25 27.72 -4.88
CA GLU D 85 -9.93 28.28 -4.53
C GLU D 85 -9.46 27.85 -3.13
N ASP D 86 -10.37 27.32 -2.27
CA ASP D 86 -9.99 26.82 -0.94
C ASP D 86 -9.32 25.44 -0.99
N GLU D 87 -9.27 24.78 -2.16
CA GLU D 87 -8.62 23.45 -2.24
C GLU D 87 -7.15 23.64 -1.99
N ALA D 88 -6.65 23.08 -0.89
CA ALA D 88 -5.26 23.24 -0.44
C ALA D 88 -5.02 22.34 0.74
N ASP D 89 -3.79 22.38 1.28
CA ASP D 89 -3.42 21.67 2.50
C ASP D 89 -3.54 22.67 3.64
N TYR D 90 -4.03 22.24 4.79
CA TYR D 90 -4.20 23.09 5.98
C TYR D 90 -3.43 22.47 7.12
N TYR D 91 -2.60 23.27 7.79
CA TYR D 91 -1.76 22.81 8.89
C TYR D 91 -2.05 23.65 10.14
N CYS D 92 -2.12 23.00 11.28
CA CYS D 92 -2.20 23.67 12.56
C CYS D 92 -0.76 23.62 13.16
N ALA D 93 -0.45 24.57 14.05
CA ALA D 93 0.86 24.62 14.73
C ALA D 93 0.68 25.23 16.10
N ALA D 94 1.50 24.81 17.05
CA ALA D 94 1.46 25.32 18.41
C ALA D 94 2.82 25.15 19.02
N TRP D 95 3.14 26.00 20.00
CA TRP D 95 4.37 25.86 20.77
C TRP D 95 4.18 24.65 21.71
N ASP D 96 5.21 23.82 21.89
CA ASP D 96 5.12 22.68 22.82
C ASP D 96 6.09 22.95 23.99
N ASP D 97 5.55 23.13 25.24
CA ASP D 97 6.32 23.41 26.45
C ASP D 97 7.29 22.27 26.83
N SER D 98 6.90 21.00 26.58
CA SER D 98 7.74 19.84 26.92
C SER D 98 8.92 19.68 25.96
N LEU D 99 8.74 20.08 24.69
CA LEU D 99 9.78 19.99 23.67
C LEU D 99 10.55 21.30 23.55
N ASN D 100 9.98 22.42 24.06
CA ASN D 100 10.56 23.77 24.00
C ASN D 100 10.79 24.16 22.51
N GLY D 101 9.76 23.94 21.72
CA GLY D 101 9.83 24.21 20.28
C GLY D 101 8.48 24.17 19.61
N TRP D 102 8.46 24.50 18.31
CA TRP D 102 7.19 24.49 17.59
C TRP D 102 6.84 23.09 17.12
N VAL D 103 5.56 22.78 17.11
CA VAL D 103 5.06 21.51 16.55
C VAL D 103 3.99 21.79 15.49
N PHE D 104 4.01 21.04 14.39
CA PHE D 104 2.98 21.17 13.35
C PHE D 104 2.13 19.93 13.31
N GLY D 105 0.89 20.06 12.88
CA GLY D 105 0.05 18.90 12.59
C GLY D 105 0.51 18.30 11.26
N GLY D 106 0.07 17.08 10.95
CA GLY D 106 0.48 16.42 9.71
C GLY D 106 -0.14 16.99 8.44
N GLY D 107 -1.15 17.86 8.60
CA GLY D 107 -1.82 18.51 7.48
C GLY D 107 -3.07 17.79 7.03
N THR D 108 -4.03 18.57 6.51
CA THR D 108 -5.27 18.04 5.97
C THR D 108 -5.43 18.51 4.56
N LYS D 109 -5.61 17.56 3.59
CA LYS D 109 -5.82 17.94 2.22
C LYS D 109 -7.35 18.17 2.06
N LEU D 110 -7.74 19.41 1.70
CA LEU D 110 -9.16 19.72 1.49
C LEU D 110 -9.53 19.61 0.01
N THR D 111 -10.56 18.80 -0.30
CA THR D 111 -11.13 18.63 -1.64
C THR D 111 -12.47 19.35 -1.66
N VAL D 112 -12.71 20.18 -2.69
CA VAL D 112 -13.97 20.89 -2.88
C VAL D 112 -14.69 20.09 -4.00
N LEU D 113 -15.79 19.45 -3.65
CA LEU D 113 -16.59 18.53 -4.53
C LEU D 113 -17.29 19.23 -5.67
N GLY D 114 -17.84 18.46 -6.62
CA GLY D 114 -18.64 19.00 -7.72
C GLY D 114 -17.97 19.10 -9.06
N GLN D 115 -16.63 18.92 -9.11
CA GLN D 115 -15.88 19.00 -10.37
C GLN D 115 -16.26 17.75 -11.20
N PRO D 116 -16.66 17.90 -12.46
CA PRO D 116 -17.10 16.72 -13.22
C PRO D 116 -15.97 15.74 -13.52
N LYS D 117 -16.31 14.44 -13.54
CA LYS D 117 -15.41 13.35 -13.91
C LYS D 117 -15.00 13.57 -15.38
N ALA D 118 -13.69 13.51 -15.67
CA ALA D 118 -13.15 13.65 -17.02
C ALA D 118 -12.27 12.44 -17.33
N ALA D 119 -12.52 11.77 -18.47
CA ALA D 119 -11.74 10.62 -18.89
C ALA D 119 -10.38 11.07 -19.39
N PRO D 120 -9.29 10.28 -19.18
CA PRO D 120 -7.97 10.70 -19.69
C PRO D 120 -7.85 10.66 -21.22
N SER D 121 -7.08 11.61 -21.76
CA SER D 121 -6.70 11.65 -23.17
C SER D 121 -5.32 10.95 -23.17
N VAL D 122 -5.10 9.98 -24.07
CA VAL D 122 -3.86 9.20 -24.08
C VAL D 122 -3.15 9.33 -25.43
N THR D 123 -1.84 9.66 -25.41
CA THR D 123 -0.98 9.74 -26.59
C THR D 123 0.15 8.79 -26.35
N LEU D 124 0.39 7.87 -27.28
CA LEU D 124 1.49 6.94 -27.16
C LEU D 124 2.41 7.16 -28.35
N PHE D 125 3.70 7.40 -28.07
CA PHE D 125 4.71 7.54 -29.11
C PHE D 125 5.67 6.36 -29.11
N PRO D 126 6.03 5.86 -30.31
CA PRO D 126 7.05 4.82 -30.37
C PRO D 126 8.46 5.43 -30.28
N PRO D 127 9.50 4.59 -30.24
CA PRO D 127 10.88 5.11 -30.26
C PRO D 127 11.17 5.87 -31.56
N SER D 128 11.92 6.96 -31.46
CA SER D 128 12.35 7.72 -32.66
C SER D 128 13.47 6.94 -33.36
N SER D 129 13.67 7.14 -34.70
CA SER D 129 14.78 6.49 -35.39
C SER D 129 16.11 6.99 -34.82
N GLU D 130 16.14 8.28 -34.36
CA GLU D 130 17.36 8.85 -33.75
C GLU D 130 17.74 8.07 -32.48
N GLU D 131 16.75 7.78 -31.60
CA GLU D 131 17.04 7.05 -30.37
C GLU D 131 17.47 5.61 -30.68
N LEU D 132 16.80 4.98 -31.63
CA LEU D 132 17.16 3.61 -31.99
C LEU D 132 18.62 3.53 -32.53
N GLN D 133 19.04 4.56 -33.27
CA GLN D 133 20.39 4.71 -33.84
C GLN D 133 21.39 4.89 -32.68
N ALA D 134 20.90 5.39 -31.53
CA ALA D 134 21.70 5.54 -30.28
C ALA D 134 21.60 4.29 -29.39
N ASN D 135 21.07 3.17 -29.94
CA ASN D 135 20.96 1.88 -29.24
C ASN D 135 20.04 1.88 -28.03
N LYS D 136 19.00 2.69 -28.06
CA LYS D 136 18.00 2.69 -27.01
C LYS D 136 16.61 2.76 -27.64
N ALA D 137 15.57 2.45 -26.87
CA ALA D 137 14.19 2.49 -27.37
C ALA D 137 13.27 2.86 -26.22
N THR D 138 12.67 4.05 -26.29
CA THR D 138 11.75 4.50 -25.25
C THR D 138 10.35 4.69 -25.83
N LEU D 139 9.33 4.09 -25.20
CA LEU D 139 7.93 4.29 -25.57
C LEU D 139 7.43 5.31 -24.58
N VAL D 140 6.67 6.28 -25.07
CA VAL D 140 6.24 7.40 -24.20
C VAL D 140 4.72 7.44 -24.17
N CYS D 141 4.13 7.27 -22.99
CA CYS D 141 2.68 7.30 -22.85
C CYS D 141 2.31 8.53 -22.08
N LEU D 142 1.62 9.49 -22.72
CA LEU D 142 1.26 10.76 -22.08
C LEU D 142 -0.24 10.78 -21.79
N ILE D 143 -0.58 11.09 -20.53
CA ILE D 143 -1.96 10.99 -20.04
C ILE D 143 -2.40 12.35 -19.54
N SER D 144 -3.47 12.90 -20.10
CA SER D 144 -3.87 14.23 -19.66
C SER D 144 -5.37 14.43 -19.51
N ASP D 145 -5.74 15.56 -18.87
CA ASP D 145 -7.12 16.01 -18.69
C ASP D 145 -8.04 15.01 -17.99
N PHE D 146 -7.51 14.27 -16.99
CA PHE D 146 -8.36 13.34 -16.26
C PHE D 146 -8.71 13.94 -14.89
N TYR D 147 -9.91 13.64 -14.43
CA TYR D 147 -10.38 14.06 -13.11
C TYR D 147 -11.37 12.98 -12.63
N PRO D 148 -11.22 12.40 -11.41
CA PRO D 148 -10.23 12.76 -10.36
C PRO D 148 -8.81 12.32 -10.71
N GLY D 149 -7.85 12.90 -9.98
CA GLY D 149 -6.42 12.72 -10.23
C GLY D 149 -5.77 11.42 -9.87
N ALA D 150 -6.30 10.29 -10.35
CA ALA D 150 -5.67 8.98 -10.12
C ALA D 150 -5.89 8.05 -11.32
N VAL D 151 -4.82 7.39 -11.78
CA VAL D 151 -4.86 6.43 -12.89
C VAL D 151 -3.93 5.27 -12.58
N THR D 152 -4.12 4.14 -13.27
CA THR D 152 -3.24 2.98 -13.25
C THR D 152 -2.85 2.73 -14.71
N VAL D 153 -1.60 2.37 -14.95
CA VAL D 153 -1.05 2.15 -16.27
C VAL D 153 -0.57 0.70 -16.40
N ALA D 154 -0.94 0.05 -17.50
CA ALA D 154 -0.51 -1.31 -17.81
C ALA D 154 0.05 -1.28 -19.21
N TRP D 155 1.21 -1.90 -19.40
CA TRP D 155 1.88 -1.99 -20.71
C TRP D 155 1.79 -3.42 -21.22
N LYS D 156 1.73 -3.61 -22.55
CA LYS D 156 1.68 -4.94 -23.17
C LYS D 156 2.68 -5.00 -24.34
N ALA D 157 3.35 -6.15 -24.50
CA ALA D 157 4.25 -6.51 -25.61
C ALA D 157 3.38 -7.49 -26.38
N ASP D 158 2.86 -7.06 -27.55
CA ASP D 158 1.82 -7.77 -28.31
C ASP D 158 0.59 -7.82 -27.38
N SER D 159 0.30 -8.97 -26.75
CA SER D 159 -0.81 -9.13 -25.80
C SER D 159 -0.29 -9.46 -24.38
N SER D 160 1.03 -9.68 -24.23
CA SER D 160 1.66 -10.08 -22.96
C SER D 160 1.97 -8.90 -22.03
N PRO D 161 1.57 -8.95 -20.73
CA PRO D 161 1.91 -7.84 -19.82
C PRO D 161 3.42 -7.66 -19.65
N VAL D 162 3.84 -6.41 -19.51
CA VAL D 162 5.25 -6.06 -19.32
C VAL D 162 5.37 -5.11 -18.13
N LYS D 163 6.17 -5.48 -17.12
CA LYS D 163 6.38 -4.61 -15.95
C LYS D 163 7.84 -4.10 -15.90
N ALA D 164 8.81 -4.88 -16.40
CA ALA D 164 10.21 -4.46 -16.43
C ALA D 164 10.40 -3.21 -17.32
N GLY D 165 11.22 -2.28 -16.87
CA GLY D 165 11.54 -1.05 -17.58
C GLY D 165 10.47 0.01 -17.65
N VAL D 166 9.45 -0.07 -16.76
CA VAL D 166 8.34 0.89 -16.69
C VAL D 166 8.60 1.91 -15.58
N GLU D 167 8.53 3.22 -15.89
CA GLU D 167 8.68 4.29 -14.91
C GLU D 167 7.48 5.22 -15.12
N THR D 168 6.66 5.41 -14.07
CA THR D 168 5.45 6.23 -14.18
C THR D 168 5.45 7.36 -13.17
N THR D 169 5.01 8.55 -13.59
CA THR D 169 4.98 9.70 -12.65
C THR D 169 3.75 9.63 -11.78
N THR D 170 3.75 10.42 -10.69
CA THR D 170 2.56 10.59 -9.87
C THR D 170 1.68 11.58 -10.65
N PRO D 171 0.35 11.62 -10.49
CA PRO D 171 -0.45 12.61 -11.23
C PRO D 171 -0.18 14.02 -10.72
N SER D 172 -0.20 14.99 -11.63
CA SER D 172 0.07 16.38 -11.30
C SER D 172 -1.11 17.24 -11.76
N LYS D 173 -1.54 18.22 -10.93
CA LYS D 173 -2.65 19.09 -11.32
C LYS D 173 -2.20 20.06 -12.44
N GLN D 174 -3.02 20.15 -13.50
CA GLN D 174 -2.82 21.05 -14.66
C GLN D 174 -3.42 22.43 -14.32
N SER D 175 -3.21 23.44 -15.19
CA SER D 175 -3.76 24.81 -15.04
C SER D 175 -5.30 24.79 -14.97
N ASN D 176 -5.96 23.88 -15.73
CA ASN D 176 -7.41 23.75 -15.82
C ASN D 176 -8.03 22.86 -14.73
N ASN D 177 -7.24 22.53 -13.69
CA ASN D 177 -7.63 21.73 -12.52
C ASN D 177 -7.90 20.24 -12.84
N LYS D 178 -7.60 19.80 -14.07
CA LYS D 178 -7.64 18.39 -14.42
C LYS D 178 -6.18 17.91 -14.17
N TYR D 179 -5.91 16.61 -14.35
CA TYR D 179 -4.60 16.07 -14.00
C TYR D 179 -3.87 15.46 -15.18
N ALA D 180 -2.54 15.38 -15.05
CA ALA D 180 -1.64 14.82 -16.07
C ALA D 180 -0.68 13.82 -15.44
N ALA D 181 -0.25 12.81 -16.23
CA ALA D 181 0.74 11.84 -15.79
C ALA D 181 1.43 11.30 -17.05
N SER D 182 2.55 10.63 -16.87
CA SER D 182 3.25 10.02 -18.01
C SER D 182 3.91 8.76 -17.58
N SER D 183 4.06 7.83 -18.53
CA SER D 183 4.66 6.55 -18.28
C SER D 183 5.62 6.24 -19.43
N TYR D 184 6.82 5.80 -19.07
CA TYR D 184 7.92 5.50 -20.01
C TYR D 184 8.27 4.05 -19.93
N LEU D 185 8.36 3.39 -21.10
CA LEU D 185 8.79 2.01 -21.18
C LEU D 185 10.12 1.97 -21.94
N SER D 186 11.19 1.51 -21.26
CA SER D 186 12.52 1.38 -21.85
C SER D 186 12.73 -0.02 -22.38
N LEU D 187 13.11 -0.12 -23.65
CA LEU D 187 13.38 -1.41 -24.29
C LEU D 187 14.70 -1.33 -25.01
N THR D 188 15.21 -2.49 -25.43
CA THR D 188 16.37 -2.47 -26.31
C THR D 188 15.79 -2.36 -27.74
N PRO D 189 16.58 -1.91 -28.74
CA PRO D 189 16.08 -1.96 -30.15
C PRO D 189 15.61 -3.36 -30.55
N GLU D 190 16.33 -4.42 -30.08
CA GLU D 190 15.98 -5.82 -30.35
C GLU D 190 14.57 -6.16 -29.84
N GLN D 191 14.24 -5.84 -28.57
CA GLN D 191 12.93 -6.10 -27.99
C GLN D 191 11.85 -5.34 -28.76
N TRP D 192 12.13 -4.05 -29.11
CA TRP D 192 11.18 -3.26 -29.89
C TRP D 192 10.85 -3.91 -31.23
N LYS D 193 11.90 -4.31 -31.98
CA LYS D 193 11.75 -4.88 -33.32
C LYS D 193 11.22 -6.32 -33.31
N SER D 194 11.28 -7.03 -32.16
CA SER D 194 10.88 -8.43 -32.03
C SER D 194 9.36 -8.68 -31.87
N HIS D 195 8.59 -7.63 -31.54
CA HIS D 195 7.14 -7.75 -31.37
C HIS D 195 6.39 -7.06 -32.51
N ARG D 196 5.12 -7.48 -32.75
CA ARG D 196 4.28 -6.83 -33.77
C ARG D 196 3.86 -5.44 -33.31
N SER D 197 3.64 -5.27 -32.00
CA SER D 197 3.25 -3.99 -31.42
C SER D 197 3.43 -3.96 -29.92
N TYR D 198 3.31 -2.76 -29.32
CA TYR D 198 3.29 -2.52 -27.87
C TYR D 198 2.09 -1.64 -27.60
N SER D 199 1.51 -1.78 -26.41
CA SER D 199 0.34 -1.00 -26.00
C SER D 199 0.49 -0.43 -24.62
N CYS D 200 -0.13 0.73 -24.41
CA CYS D 200 -0.26 1.39 -23.13
C CYS D 200 -1.74 1.47 -22.82
N GLN D 201 -2.18 0.91 -21.67
CA GLN D 201 -3.56 0.80 -21.19
C GLN D 201 -3.69 1.65 -19.93
N VAL D 202 -4.53 2.69 -19.98
CA VAL D 202 -4.74 3.59 -18.86
C VAL D 202 -6.15 3.32 -18.30
N THR D 203 -6.24 3.01 -17.00
CA THR D 203 -7.51 2.76 -16.32
C THR D 203 -7.81 3.91 -15.38
N HIS D 204 -9.01 4.52 -15.52
CA HIS D 204 -9.46 5.66 -14.71
C HIS D 204 -10.93 5.45 -14.34
N GLU D 205 -11.23 5.38 -13.03
CA GLU D 205 -12.57 5.17 -12.49
C GLU D 205 -13.25 3.95 -13.14
N GLY D 206 -12.50 2.85 -13.22
CA GLY D 206 -12.94 1.58 -13.78
C GLY D 206 -12.91 1.45 -15.29
N SER D 207 -12.85 2.58 -16.04
CA SER D 207 -12.85 2.58 -17.51
C SER D 207 -11.43 2.64 -18.09
N THR D 208 -11.17 1.85 -19.13
CA THR D 208 -9.84 1.76 -19.76
C THR D 208 -9.79 2.43 -21.16
N VAL D 209 -8.66 3.16 -21.40
CA VAL D 209 -8.30 3.85 -22.65
C VAL D 209 -6.97 3.22 -23.06
N GLU D 210 -6.90 2.66 -24.28
CA GLU D 210 -5.71 1.97 -24.77
C GLU D 210 -5.21 2.57 -26.08
N LYS D 211 -3.88 2.63 -26.24
CA LYS D 211 -3.22 3.06 -27.48
C LYS D 211 -2.16 2.01 -27.83
N THR D 212 -1.93 1.80 -29.12
CA THR D 212 -1.01 0.80 -29.65
C THR D 212 -0.09 1.44 -30.67
N VAL D 213 1.18 1.03 -30.65
CA VAL D 213 2.18 1.48 -31.62
C VAL D 213 2.96 0.29 -32.16
N ALA D 214 3.57 0.44 -33.34
CA ALA D 214 4.31 -0.64 -33.98
C ALA D 214 5.56 -0.13 -34.71
N PRO D 215 6.60 -1.00 -34.90
CA PRO D 215 7.80 -0.58 -35.65
C PRO D 215 7.50 -0.11 -37.07
N THR D 216 8.35 0.79 -37.63
CA THR D 216 8.19 1.31 -38.99
C THR D 216 9.21 0.62 -39.89
N GLU D 217 8.73 -0.19 -40.85
CA GLU D 217 9.59 -0.92 -41.76
C GLU D 217 10.04 -0.04 -42.94
N CYS D 218 11.38 0.12 -43.08
CA CYS D 218 12.02 0.93 -44.12
C CYS D 218 13.16 0.15 -44.80
C1 GOL E . -10.04 -31.20 5.79
O1 GOL E . -9.06 -32.04 6.39
C2 GOL E . -10.86 -30.48 6.83
O2 GOL E . -11.51 -29.35 6.23
C3 GOL E . -11.90 -31.39 7.46
O3 GOL E . -11.30 -32.35 8.31
C ACT F . 10.19 34.08 21.04
O ACT F . 9.48 33.03 21.02
OXT ACT F . 10.75 34.54 22.06
CH3 ACT F . 10.37 34.87 19.72
C1 GOL G . 13.18 12.96 -38.17
O1 GOL G . 13.11 11.54 -38.20
C2 GOL G . 12.29 13.51 -37.07
O2 GOL G . 12.13 14.92 -37.23
C3 GOL G . 10.93 12.85 -37.03
O3 GOL G . 10.04 13.59 -36.24
C1 GOL H . 11.54 29.42 17.72
O1 GOL H . 12.42 28.50 18.35
C2 GOL H . 11.39 30.65 18.59
O2 GOL H . 12.70 31.12 18.98
C3 GOL H . 10.69 31.74 17.82
O3 GOL H . 9.38 31.40 17.38
C1 GOL I . 22.48 27.64 -20.85
O1 GOL I . 21.27 26.87 -20.91
C2 GOL I . 22.34 28.81 -19.91
O2 GOL I . 23.47 29.67 -20.04
C3 GOL I . 21.07 29.62 -20.09
O3 GOL I . 21.06 30.76 -19.24
C1 GOL J . -6.68 32.36 0.69
O1 GOL J . -6.24 32.71 2.00
C2 GOL J . -8.16 32.56 0.56
O2 GOL J . -8.43 33.88 0.08
C3 GOL J . -8.78 31.54 -0.37
O3 GOL J . -8.56 30.21 0.09
C1 GOL K . -0.81 17.00 4.14
O1 GOL K . -2.13 17.44 3.91
C2 GOL K . -0.57 15.66 3.48
O2 GOL K . -0.83 15.76 2.07
C3 GOL K . -1.37 14.52 4.08
O3 GOL K . -2.78 14.72 3.93
#